data_9C03
# 
_entry.id   9C03 
# 
_audit_conform.dict_name       mmcif_pdbx.dic 
_audit_conform.dict_version    5.407 
_audit_conform.dict_location   http://mmcif.pdb.org/dictionaries/ascii/mmcif_pdbx.dic 
# 
loop_
_database_2.database_id 
_database_2.database_code 
_database_2.pdbx_database_accession 
_database_2.pdbx_DOI 
PDB   9C03         pdb_00009c03 10.2210/pdb9c03/pdb 
WWPDB D_1000283294 ?            ?                   
# 
_pdbx_audit_revision_history.ordinal             1 
_pdbx_audit_revision_history.data_content_type   'Structure model' 
_pdbx_audit_revision_history.major_revision      1 
_pdbx_audit_revision_history.minor_revision      0 
_pdbx_audit_revision_history.revision_date       2025-11-26 
_pdbx_audit_revision_history.part_number         ? 
# 
_pdbx_audit_revision_details.ordinal             1 
_pdbx_audit_revision_details.revision_ordinal    1 
_pdbx_audit_revision_details.data_content_type   'Structure model' 
_pdbx_audit_revision_details.provider            repository 
_pdbx_audit_revision_details.type                'Initial release' 
_pdbx_audit_revision_details.description         ? 
_pdbx_audit_revision_details.details             ? 
# 
_pdbx_database_status.status_code                     REL 
_pdbx_database_status.status_code_sf                  REL 
_pdbx_database_status.status_code_mr                  ? 
_pdbx_database_status.entry_id                        9C03 
_pdbx_database_status.recvd_initial_deposition_date   2024-05-24 
_pdbx_database_status.SG_entry                        N 
_pdbx_database_status.deposit_site                    RCSB 
_pdbx_database_status.process_site                    RCSB 
_pdbx_database_status.status_code_cs                  ? 
_pdbx_database_status.status_code_nmr_data            ? 
_pdbx_database_status.methods_development_category    ? 
_pdbx_database_status.pdb_format_compatible           Y 
# 
_pdbx_contact_author.id                 2 
_pdbx_contact_author.email              andyn@uic.edu 
_pdbx_contact_author.name_first         Andy 
_pdbx_contact_author.name_last          Nguyen 
_pdbx_contact_author.name_mi            I 
_pdbx_contact_author.role               'principal investigator/group leader' 
_pdbx_contact_author.identifier_ORCID   0000-0003-4137-6453 
# 
_audit_author.name               'Heinz-Kunert, S.L.' 
_audit_author.pdbx_ordinal       1 
_audit_author.identifier_ORCID   0009-0002-5884-1294 
# 
_citation.abstract                  ? 
_citation.abstract_id_CAS           ? 
_citation.book_id_ISBN              ? 
_citation.book_publisher            ? 
_citation.book_publisher_city       ? 
_citation.book_title                ? 
_citation.coordinate_linkage        ? 
_citation.country                   ? 
_citation.database_id_Medline       ? 
_citation.details                   ? 
_citation.id                        primary 
_citation.journal_abbrev            'To Be Published' 
_citation.journal_id_ASTM           ? 
_citation.journal_id_CSD            0353 
_citation.journal_id_ISSN           ? 
_citation.journal_full              ? 
_citation.journal_issue             ? 
_citation.journal_volume            ? 
_citation.language                  ? 
_citation.page_first                ? 
_citation.page_last                 ? 
_citation.title                     'Evolvable conformational diversity in assemblies of short peptides' 
_citation.year                      ? 
_citation.database_id_CSD           ? 
_citation.pdbx_database_id_DOI      ? 
_citation.pdbx_database_id_PubMed   ? 
_citation.pdbx_database_id_patent   ? 
_citation.unpublished_flag          ? 
# 
loop_
_citation_author.citation_id 
_citation_author.name 
_citation_author.ordinal 
_citation_author.identifier_ORCID 
primary 'Heinz-Kunert, S.L.' 1 0009-0002-5884-1294 
primary 'Nguyen, A.I.'       2 0000-0003-4137-6453 
# 
loop_
_entity.id 
_entity.type 
_entity.src_method 
_entity.pdbx_description 
_entity.formula_weight 
_entity.pdbx_number_of_molecules 
_entity.pdbx_ec 
_entity.pdbx_mutation 
_entity.pdbx_fragment 
_entity.details 
1 polymer     syn UIC-1-A4S/B7M                                           959.205 1 ? ? ? ? 
2 non-polymer syn "5'-(hydrazinecarbonyl)[2,2'-bipyridine]-5-carboxamide" 257.248 1 ? ? ? ? 
3 non-polymer syn 
;ethyl 5'-formyl[2,2'-bipyridine]-5-carboxylate
;
272.256 1 ? ? ? ? 
4 non-polymer syn PARA-XYLENE                                             106.165 1 ? ? ? ? 
5 non-polymer syn 1,3-dimethylbenzene                                     106.165 3 ? ? ? ? 
6 non-polymer syn ORTHO-XYLENE                                            106.165 3 ? ? ? ? 
7 water       nat water                                                   18.015  1 ? ? ? ? 
# 
_entity_poly.entity_id                      1 
_entity_poly.type                           'polypeptide(L)' 
_entity_poly.nstd_linkage                   no 
_entity_poly.nstd_monomer                   yes 
_entity_poly.pdbx_seq_one_letter_code       'L(AIB)S(AIB)LMQ(AIB)L' 
_entity_poly.pdbx_seq_one_letter_code_can   LASALMQAL 
_entity_poly.pdbx_strand_id                 A 
_entity_poly.pdbx_target_identifier         ? 
# 
loop_
_pdbx_entity_nonpoly.entity_id 
_pdbx_entity_nonpoly.name 
_pdbx_entity_nonpoly.comp_id 
2 "5'-(hydrazinecarbonyl)[2,2'-bipyridine]-5-carboxamide" I77 
3 
;ethyl 5'-formyl[2,2'-bipyridine]-5-carboxylate
;
I6W 
4 PARA-XYLENE                                             PXY 
5 1,3-dimethylbenzene                                     8VH 
6 ORTHO-XYLENE                                            OXE 
7 water                                                   HOH 
# 
loop_
_entity_poly_seq.entity_id 
_entity_poly_seq.num 
_entity_poly_seq.mon_id 
_entity_poly_seq.hetero 
1 1 LEU n 
1 2 AIB n 
1 3 SER n 
1 4 AIB n 
1 5 LEU n 
1 6 MET n 
1 7 GLN n 
1 8 AIB n 
1 9 LEU n 
# 
_pdbx_entity_src_syn.entity_id              1 
_pdbx_entity_src_syn.pdbx_src_id            1 
_pdbx_entity_src_syn.pdbx_alt_source_flag   sample 
_pdbx_entity_src_syn.pdbx_beg_seq_num       1 
_pdbx_entity_src_syn.pdbx_end_seq_num       9 
_pdbx_entity_src_syn.organism_scientific    'synthetic construct' 
_pdbx_entity_src_syn.organism_common_name   ? 
_pdbx_entity_src_syn.ncbi_taxonomy_id       32630 
_pdbx_entity_src_syn.details                ? 
# 
loop_
_chem_comp.id 
_chem_comp.type 
_chem_comp.mon_nstd_flag 
_chem_comp.name 
_chem_comp.pdbx_synonyms 
_chem_comp.formula 
_chem_comp.formula_weight 
8VH non-polymer         . 1,3-dimethylbenzene                                     ? 'C8 H10'        106.165 
AIB 'L-peptide linking' n 'ALPHA-AMINOISOBUTYRIC ACID'                            ? 'C4 H9 N O2'    103.120 
GLN 'L-peptide linking' y GLUTAMINE                                               ? 'C5 H10 N2 O3'  146.144 
HOH non-polymer         . WATER                                                   ? 'H2 O'          18.015  
I6W non-polymer         . 
;ethyl 5'-formyl[2,2'-bipyridine]-5-carboxylate
;
? 'C14 H12 N2 O4' 272.256 
I77 non-polymer         . "5'-(hydrazinecarbonyl)[2,2'-bipyridine]-5-carboxamide" ? 'C12 H11 N5 O2' 257.248 
LEU 'L-peptide linking' y LEUCINE                                                 ? 'C6 H13 N O2'   131.173 
MET 'L-peptide linking' y METHIONINE                                              ? 'C5 H11 N O2 S' 149.211 
OXE non-polymer         . ORTHO-XYLENE                                            ? 'C8 H10'        106.165 
PXY non-polymer         . PARA-XYLENE                                             ? 'C8 H10'        106.165 
SER 'L-peptide linking' y SERINE                                                  ? 'C3 H7 N O3'    105.093 
# 
loop_
_pdbx_poly_seq_scheme.asym_id 
_pdbx_poly_seq_scheme.entity_id 
_pdbx_poly_seq_scheme.seq_id 
_pdbx_poly_seq_scheme.mon_id 
_pdbx_poly_seq_scheme.ndb_seq_num 
_pdbx_poly_seq_scheme.pdb_seq_num 
_pdbx_poly_seq_scheme.auth_seq_num 
_pdbx_poly_seq_scheme.pdb_mon_id 
_pdbx_poly_seq_scheme.auth_mon_id 
_pdbx_poly_seq_scheme.pdb_strand_id 
_pdbx_poly_seq_scheme.pdb_ins_code 
_pdbx_poly_seq_scheme.hetero 
A 1 1 LEU 1 2  2  LEU LEU A . n 
A 1 2 AIB 2 3  3  AIB AIB A . n 
A 1 3 SER 3 4  4  SER SER A . n 
A 1 4 AIB 4 5  5  AIB AIB A . n 
A 1 5 LEU 5 6  6  LEU LEU A . n 
A 1 6 MET 6 7  7  MET MET A . n 
A 1 7 GLN 7 8  8  GLN GLN A . n 
A 1 8 AIB 8 9  9  AIB AIB A . n 
A 1 9 LEU 9 10 10 LEU LEU A . n 
# 
loop_
_pdbx_entity_instance_feature.ordinal 
_pdbx_entity_instance_feature.comp_id 
_pdbx_entity_instance_feature.asym_id 
_pdbx_entity_instance_feature.seq_num 
_pdbx_entity_instance_feature.auth_comp_id 
_pdbx_entity_instance_feature.auth_asym_id 
_pdbx_entity_instance_feature.auth_seq_num 
_pdbx_entity_instance_feature.feature_type 
_pdbx_entity_instance_feature.details 
1 I6W ? ? I6W ? ? 'SUBJECT OF INVESTIGATION' ? 
2 I77 ? ? I77 ? ? 'SUBJECT OF INVESTIGATION' ? 
3 8VH ? ? 8VH ? ? 'SUBJECT OF INVESTIGATION' ? 
4 OXE ? ? OXE ? ? 'SUBJECT OF INVESTIGATION' ? 
5 PXY ? ? PXY ? ? 'SUBJECT OF INVESTIGATION' ? 
6 AIB ? ? AIB ? ? 'SUBJECT OF INVESTIGATION' ? 
# 
loop_
_pdbx_nonpoly_scheme.asym_id 
_pdbx_nonpoly_scheme.entity_id 
_pdbx_nonpoly_scheme.mon_id 
_pdbx_nonpoly_scheme.ndb_seq_num 
_pdbx_nonpoly_scheme.pdb_seq_num 
_pdbx_nonpoly_scheme.auth_seq_num 
_pdbx_nonpoly_scheme.pdb_mon_id 
_pdbx_nonpoly_scheme.auth_mon_id 
_pdbx_nonpoly_scheme.pdb_strand_id 
_pdbx_nonpoly_scheme.pdb_ins_code 
B 2 I77 1 101 11 I77 BPH A . 
C 3 I6W 1 102 1  I6W BPE A . 
D 4 PXY 1 103 1  PXY PXY A . 
E 5 8VH 1 104 2  8VH MXY A . 
F 6 OXE 1 105 3  OXE OXE A . 
G 6 OXE 1 106 4  OXE OXE A . 
H 6 OXE 1 107 5  OXE OXE A . 
I 5 8VH 1 108 6  8VH MXY A . 
J 5 8VH 1 109 7  8VH MXY A . 
K 7 HOH 1 201 1  HOH HOH A . 
# 
loop_
_software.citation_id 
_software.classification 
_software.compiler_name 
_software.compiler_version 
_software.contact_author 
_software.contact_author_email 
_software.date 
_software.description 
_software.dependencies 
_software.hardware 
_software.language 
_software.location 
_software.mods 
_software.name 
_software.os 
_software.os_version 
_software.type 
_software.version 
_software.pdbx_ordinal 
? refinement       ? ? ? ? ? ? ? ? ? ? ? PHENIX ? ? ? 1.20.1_4487 1 
? 'data reduction' ? ? ? ? ? ? ? ? ? ? ? XDS    ? ? ? .           2 
? 'data scaling'   ? ? ? ? ? ? ? ? ? ? ? XDS    ? ? ? .           3 
? phasing          ? ? ? ? ? ? ? ? ? ? ? PHASER ? ? ? .           4 
# 
_cell.angle_alpha                  90.000 
_cell.angle_alpha_esd              ? 
_cell.angle_beta                   101.550 
_cell.angle_beta_esd               ? 
_cell.angle_gamma                  90.000 
_cell.angle_gamma_esd              ? 
_cell.entry_id                     9C03 
_cell.details                      ? 
_cell.formula_units_Z              ? 
_cell.length_a                     13.736 
_cell.length_a_esd                 ? 
_cell.length_b                     13.418 
_cell.length_b_esd                 ? 
_cell.length_c                     28.650 
_cell.length_c_esd                 ? 
_cell.volume                       5173.544 
_cell.volume_esd                   ? 
_cell.Z_PDB                        2 
_cell.reciprocal_angle_alpha       ? 
_cell.reciprocal_angle_beta        ? 
_cell.reciprocal_angle_gamma       ? 
_cell.reciprocal_angle_alpha_esd   ? 
_cell.reciprocal_angle_beta_esd    ? 
_cell.reciprocal_angle_gamma_esd   ? 
_cell.reciprocal_length_a          ? 
_cell.reciprocal_length_b          ? 
_cell.reciprocal_length_c          ? 
_cell.reciprocal_length_a_esd      ? 
_cell.reciprocal_length_b_esd      ? 
_cell.reciprocal_length_c_esd      ? 
_cell.pdbx_unique_axis             ? 
_cell.pdbx_esd_method              ? 
# 
_symmetry.entry_id                         9C03 
_symmetry.cell_setting                     ? 
_symmetry.Int_Tables_number                4 
_symmetry.space_group_name_Hall            'P 2yb' 
_symmetry.space_group_name_H-M             'P 1 21 1' 
_symmetry.pdbx_full_space_group_name_H-M   ? 
# 
_exptl.absorpt_coefficient_mu     ? 
_exptl.absorpt_correction_T_max   ? 
_exptl.absorpt_correction_T_min   ? 
_exptl.absorpt_correction_type    ? 
_exptl.absorpt_process_details    ? 
_exptl.entry_id                   9C03 
_exptl.crystals_number            1 
_exptl.details                    ? 
_exptl.method                     'X-RAY DIFFRACTION' 
_exptl.method_details             ? 
# 
_exptl_crystal.colour                       ? 
_exptl_crystal.density_diffrn               ? 
_exptl_crystal.density_Matthews             1.41 
_exptl_crystal.density_method               ? 
_exptl_crystal.density_percent_sol          12.77 
_exptl_crystal.description                  ? 
_exptl_crystal.F_000                        ? 
_exptl_crystal.id                           1 
_exptl_crystal.preparation                  ? 
_exptl_crystal.size_max                     ? 
_exptl_crystal.size_mid                     ? 
_exptl_crystal.size_min                     ? 
_exptl_crystal.size_rad                     ? 
_exptl_crystal.colour_lustre                ? 
_exptl_crystal.colour_modifier              ? 
_exptl_crystal.colour_primary               ? 
_exptl_crystal.density_meas                 ? 
_exptl_crystal.density_meas_esd             ? 
_exptl_crystal.density_meas_gt              ? 
_exptl_crystal.density_meas_lt              ? 
_exptl_crystal.density_meas_temp            ? 
_exptl_crystal.density_meas_temp_esd        ? 
_exptl_crystal.density_meas_temp_gt         ? 
_exptl_crystal.density_meas_temp_lt         ? 
_exptl_crystal.pdbx_crystal_image_url       ? 
_exptl_crystal.pdbx_crystal_image_format    ? 
_exptl_crystal.pdbx_mosaicity               ? 
_exptl_crystal.pdbx_mosaicity_esd           ? 
_exptl_crystal.pdbx_mosaic_method           ? 
_exptl_crystal.pdbx_mosaic_block_size       ? 
_exptl_crystal.pdbx_mosaic_block_size_esd   ? 
# 
_exptl_crystal_grow.apparatus       ? 
_exptl_crystal_grow.atmosphere      ? 
_exptl_crystal_grow.crystal_id      1 
_exptl_crystal_grow.details         ? 
_exptl_crystal_grow.method          'SLOW COOLING' 
_exptl_crystal_grow.method_ref      ? 
_exptl_crystal_grow.pH              ? 
_exptl_crystal_grow.pressure        ? 
_exptl_crystal_grow.pressure_esd    ? 
_exptl_crystal_grow.seeding         ? 
_exptl_crystal_grow.seeding_ref     ? 
_exptl_crystal_grow.temp_details    ? 
_exptl_crystal_grow.temp_esd        ? 
_exptl_crystal_grow.time            ? 
_exptl_crystal_grow.pdbx_details    'acetonitrile, water' 
_exptl_crystal_grow.pdbx_pH_range   ? 
_exptl_crystal_grow.temp            298 
# 
_diffrn.ambient_environment              ? 
_diffrn.ambient_temp                     100 
_diffrn.ambient_temp_details             ? 
_diffrn.ambient_temp_esd                 ? 
_diffrn.crystal_id                       1 
_diffrn.crystal_support                  ? 
_diffrn.crystal_treatment                ? 
_diffrn.details                          ? 
_diffrn.id                               1 
_diffrn.ambient_pressure                 ? 
_diffrn.ambient_pressure_esd             ? 
_diffrn.ambient_pressure_gt              ? 
_diffrn.ambient_pressure_lt              ? 
_diffrn.ambient_temp_gt                  ? 
_diffrn.ambient_temp_lt                  ? 
_diffrn.pdbx_serial_crystal_experiment   N 
# 
_diffrn_detector.details                      ? 
_diffrn_detector.detector                     PIXEL 
_diffrn_detector.diffrn_id                    1 
_diffrn_detector.type                         'DECTRIS EIGER X 9M' 
_diffrn_detector.area_resol_mean              ? 
_diffrn_detector.dtime                        ? 
_diffrn_detector.pdbx_frames_total            ? 
_diffrn_detector.pdbx_collection_time_total   ? 
_diffrn_detector.pdbx_collection_date         2023-11-18 
_diffrn_detector.pdbx_frequency               ? 
_diffrn_detector.id                           ? 
_diffrn_detector.number_of_axes               ? 
# 
_diffrn_radiation.collimation                      ? 
_diffrn_radiation.diffrn_id                        1 
_diffrn_radiation.filter_edge                      ? 
_diffrn_radiation.inhomogeneity                    ? 
_diffrn_radiation.monochromator                    ? 
_diffrn_radiation.polarisn_norm                    ? 
_diffrn_radiation.polarisn_ratio                   ? 
_diffrn_radiation.probe                            ? 
_diffrn_radiation.type                             ? 
_diffrn_radiation.xray_symbol                      ? 
_diffrn_radiation.wavelength_id                    1 
_diffrn_radiation.pdbx_monochromatic_or_laue_m_l   M 
_diffrn_radiation.pdbx_wavelength_list             ? 
_diffrn_radiation.pdbx_wavelength                  ? 
_diffrn_radiation.pdbx_diffrn_protocol             'SINGLE WAVELENGTH' 
_diffrn_radiation.pdbx_analyzer                    ? 
_diffrn_radiation.pdbx_scattering_type             x-ray 
# 
_diffrn_radiation_wavelength.id           1 
_diffrn_radiation_wavelength.wavelength   0.729317 
_diffrn_radiation_wavelength.wt           1.0 
# 
_diffrn_source.current                     ? 
_diffrn_source.details                     ? 
_diffrn_source.diffrn_id                   1 
_diffrn_source.power                       ? 
_diffrn_source.size                        ? 
_diffrn_source.source                      SYNCHROTRON 
_diffrn_source.target                      ? 
_diffrn_source.type                        'SOLEIL BEAMLINE PROXIMA 2' 
_diffrn_source.voltage                     ? 
_diffrn_source.take-off_angle              ? 
_diffrn_source.pdbx_wavelength_list        0.729317 
_diffrn_source.pdbx_wavelength             ? 
_diffrn_source.pdbx_synchrotron_beamline   'PROXIMA 2' 
_diffrn_source.pdbx_synchrotron_site       SOLEIL 
# 
_reflns.B_iso_Wilson_estimate                          4.69 
_reflns.entry_id                                       9C03 
_reflns.data_reduction_details                         ? 
_reflns.data_reduction_method                          ? 
_reflns.d_resolution_high                              0.93 
_reflns.d_resolution_low                               14.04 
_reflns.details                                        ? 
_reflns.limit_h_max                                    ? 
_reflns.limit_h_min                                    ? 
_reflns.limit_k_max                                    ? 
_reflns.limit_k_min                                    ? 
_reflns.limit_l_max                                    ? 
_reflns.limit_l_min                                    ? 
_reflns.number_all                                     ? 
_reflns.number_obs                                     6835 
_reflns.observed_criterion                             ? 
_reflns.observed_criterion_F_max                       ? 
_reflns.observed_criterion_F_min                       ? 
_reflns.observed_criterion_I_max                       ? 
_reflns.observed_criterion_I_min                       ? 
_reflns.observed_criterion_sigma_F                     ? 
_reflns.observed_criterion_sigma_I                     ? 
_reflns.percent_possible_obs                           96.21 
_reflns.R_free_details                                 ? 
_reflns.Rmerge_F_all                                   ? 
_reflns.Rmerge_F_obs                                   ? 
_reflns.Friedel_coverage                               ? 
_reflns.number_gt                                      ? 
_reflns.threshold_expression                           ? 
_reflns.pdbx_redundancy                                6.7 
_reflns.pdbx_netI_over_av_sigmaI                       ? 
_reflns.pdbx_netI_over_sigmaI                          17.79 
_reflns.pdbx_res_netI_over_av_sigmaI_2                 ? 
_reflns.pdbx_res_netI_over_sigmaI_2                    ? 
_reflns.pdbx_chi_squared                               ? 
_reflns.pdbx_scaling_rejects                           ? 
_reflns.pdbx_d_res_high_opt                            ? 
_reflns.pdbx_d_res_low_opt                             ? 
_reflns.pdbx_d_res_opt_method                          ? 
_reflns.phase_calculation_details                      ? 
_reflns.pdbx_Rrim_I_all                                ? 
_reflns.pdbx_Rpim_I_all                                ? 
_reflns.pdbx_d_opt                                     ? 
_reflns.pdbx_number_measured_all                       ? 
_reflns.pdbx_diffrn_id                                 1 
_reflns.pdbx_ordinal                                   1 
_reflns.pdbx_CC_half                                   0.998 
_reflns.pdbx_CC_star                                   ? 
_reflns.pdbx_R_split                                   ? 
_reflns.pdbx_Rmerge_I_obs                              ? 
_reflns.pdbx_Rmerge_I_all                              ? 
_reflns.pdbx_Rsym_value                                ? 
_reflns.pdbx_CC_split_method                           ? 
_reflns.pdbx_aniso_diffraction_limit_axis_1_ortho[1]   ? 
_reflns.pdbx_aniso_diffraction_limit_axis_1_ortho[2]   ? 
_reflns.pdbx_aniso_diffraction_limit_axis_1_ortho[3]   ? 
_reflns.pdbx_aniso_diffraction_limit_axis_2_ortho[1]   ? 
_reflns.pdbx_aniso_diffraction_limit_axis_2_ortho[2]   ? 
_reflns.pdbx_aniso_diffraction_limit_axis_2_ortho[3]   ? 
_reflns.pdbx_aniso_diffraction_limit_axis_3_ortho[1]   ? 
_reflns.pdbx_aniso_diffraction_limit_axis_3_ortho[2]   ? 
_reflns.pdbx_aniso_diffraction_limit_axis_3_ortho[3]   ? 
_reflns.pdbx_aniso_diffraction_limit_1                 ? 
_reflns.pdbx_aniso_diffraction_limit_2                 ? 
_reflns.pdbx_aniso_diffraction_limit_3                 ? 
_reflns.pdbx_aniso_B_tensor_eigenvector_1_ortho[1]     ? 
_reflns.pdbx_aniso_B_tensor_eigenvector_1_ortho[2]     ? 
_reflns.pdbx_aniso_B_tensor_eigenvector_1_ortho[3]     ? 
_reflns.pdbx_aniso_B_tensor_eigenvector_2_ortho[1]     ? 
_reflns.pdbx_aniso_B_tensor_eigenvector_2_ortho[2]     ? 
_reflns.pdbx_aniso_B_tensor_eigenvector_2_ortho[3]     ? 
_reflns.pdbx_aniso_B_tensor_eigenvector_3_ortho[1]     ? 
_reflns.pdbx_aniso_B_tensor_eigenvector_3_ortho[2]     ? 
_reflns.pdbx_aniso_B_tensor_eigenvector_3_ortho[3]     ? 
_reflns.pdbx_aniso_B_tensor_eigenvalue_1               ? 
_reflns.pdbx_aniso_B_tensor_eigenvalue_2               ? 
_reflns.pdbx_aniso_B_tensor_eigenvalue_3               ? 
_reflns.pdbx_orthogonalization_convention              ? 
_reflns.pdbx_percent_possible_ellipsoidal              ? 
_reflns.pdbx_percent_possible_spherical                ? 
_reflns.pdbx_percent_possible_ellipsoidal_anomalous    ? 
_reflns.pdbx_percent_possible_spherical_anomalous      ? 
_reflns.pdbx_redundancy_anomalous                      ? 
_reflns.pdbx_CC_half_anomalous                         ? 
_reflns.pdbx_absDiff_over_sigma_anomalous              ? 
_reflns.pdbx_percent_possible_anomalous                ? 
_reflns.pdbx_observed_signal_threshold                 ? 
_reflns.pdbx_signal_type                               ? 
_reflns.pdbx_signal_details                            ? 
_reflns.pdbx_signal_software_id                        ? 
# 
_reflns_shell.d_res_high                                    0.93 
_reflns_shell.d_res_low                                     0.9633 
_reflns_shell.meanI_over_sigI_all                           ? 
_reflns_shell.meanI_over_sigI_obs                           ? 
_reflns_shell.number_measured_all                           ? 
_reflns_shell.number_measured_obs                           ? 
_reflns_shell.number_possible                               ? 
_reflns_shell.number_unique_all                             ? 
_reflns_shell.number_unique_obs                             674 
_reflns_shell.percent_possible_obs                          ? 
_reflns_shell.Rmerge_F_all                                  ? 
_reflns_shell.Rmerge_F_obs                                  ? 
_reflns_shell.meanI_over_sigI_gt                            ? 
_reflns_shell.meanI_over_uI_all                             ? 
_reflns_shell.meanI_over_uI_gt                              ? 
_reflns_shell.number_measured_gt                            ? 
_reflns_shell.number_unique_gt                              ? 
_reflns_shell.percent_possible_gt                           ? 
_reflns_shell.Rmerge_F_gt                                   ? 
_reflns_shell.Rmerge_I_gt                                   ? 
_reflns_shell.pdbx_redundancy                               ? 
_reflns_shell.pdbx_chi_squared                              ? 
_reflns_shell.pdbx_netI_over_sigmaI_all                     ? 
_reflns_shell.pdbx_netI_over_sigmaI_obs                     ? 
_reflns_shell.pdbx_Rrim_I_all                               ? 
_reflns_shell.pdbx_Rpim_I_all                               ? 
_reflns_shell.pdbx_rejects                                  ? 
_reflns_shell.pdbx_ordinal                                  1 
_reflns_shell.pdbx_diffrn_id                                1 
_reflns_shell.pdbx_CC_half                                  0.968 
_reflns_shell.pdbx_CC_star                                  ? 
_reflns_shell.pdbx_R_split                                  ? 
_reflns_shell.percent_possible_all                          ? 
_reflns_shell.Rmerge_I_all                                  ? 
_reflns_shell.Rmerge_I_obs                                  ? 
_reflns_shell.pdbx_Rsym_value                               ? 
_reflns_shell.pdbx_percent_possible_ellipsoidal             ? 
_reflns_shell.pdbx_percent_possible_spherical               ? 
_reflns_shell.pdbx_percent_possible_ellipsoidal_anomalous   ? 
_reflns_shell.pdbx_percent_possible_spherical_anomalous     ? 
_reflns_shell.pdbx_redundancy_anomalous                     ? 
_reflns_shell.pdbx_CC_half_anomalous                        ? 
_reflns_shell.pdbx_absDiff_over_sigma_anomalous             ? 
_reflns_shell.pdbx_percent_possible_anomalous               ? 
# 
_refine.aniso_B[1][1]                            ? 
_refine.aniso_B[1][2]                            ? 
_refine.aniso_B[1][3]                            ? 
_refine.aniso_B[2][2]                            ? 
_refine.aniso_B[2][3]                            ? 
_refine.aniso_B[3][3]                            ? 
_refine.B_iso_max                                ? 
_refine.B_iso_mean                               6.30 
_refine.B_iso_min                                ? 
_refine.correlation_coeff_Fo_to_Fc               ? 
_refine.correlation_coeff_Fo_to_Fc_free          ? 
_refine.details                                  ? 
_refine.diff_density_max                         ? 
_refine.diff_density_max_esd                     ? 
_refine.diff_density_min                         ? 
_refine.diff_density_min_esd                     ? 
_refine.diff_density_rms                         ? 
_refine.diff_density_rms_esd                     ? 
_refine.entry_id                                 9C03 
_refine.pdbx_refine_id                           'X-RAY DIFFRACTION' 
_refine.ls_abs_structure_details                 ? 
_refine.ls_abs_structure_Flack                   ? 
_refine.ls_abs_structure_Flack_esd               ? 
_refine.ls_abs_structure_Rogers                  ? 
_refine.ls_abs_structure_Rogers_esd              ? 
_refine.ls_d_res_high                            0.93 
_refine.ls_d_res_low                             14.04 
_refine.ls_extinction_coef                       ? 
_refine.ls_extinction_coef_esd                   ? 
_refine.ls_extinction_expression                 ? 
_refine.ls_extinction_method                     ? 
_refine.ls_goodness_of_fit_all                   ? 
_refine.ls_goodness_of_fit_all_esd               ? 
_refine.ls_goodness_of_fit_obs                   ? 
_refine.ls_goodness_of_fit_obs_esd               ? 
_refine.ls_hydrogen_treatment                    ? 
_refine.ls_matrix_type                           ? 
_refine.ls_number_constraints                    ? 
_refine.ls_number_parameters                     ? 
_refine.ls_number_reflns_all                     ? 
_refine.ls_number_reflns_obs                     6835 
_refine.ls_number_reflns_R_free                  1282 
_refine.ls_number_reflns_R_work                  11591 
_refine.ls_number_restraints                     ? 
_refine.ls_percent_reflns_obs                    95.32 
_refine.ls_percent_reflns_R_free                 9.96 
_refine.ls_R_factor_all                          ? 
_refine.ls_R_factor_obs                          0.0708 
_refine.ls_R_factor_R_free                       0.0792 
_refine.ls_R_factor_R_free_error                 ? 
_refine.ls_R_factor_R_free_error_details         ? 
_refine.ls_R_factor_R_work                       0.0698 
_refine.ls_R_Fsqd_factor_obs                     ? 
_refine.ls_R_I_factor_obs                        ? 
_refine.ls_redundancy_reflns_all                 ? 
_refine.ls_redundancy_reflns_obs                 ? 
_refine.ls_restrained_S_all                      ? 
_refine.ls_restrained_S_obs                      ? 
_refine.ls_shift_over_esd_max                    ? 
_refine.ls_shift_over_esd_mean                   ? 
_refine.ls_structure_factor_coef                 ? 
_refine.ls_weighting_details                     ? 
_refine.ls_weighting_scheme                      ? 
_refine.ls_wR_factor_all                         ? 
_refine.ls_wR_factor_obs                         ? 
_refine.ls_wR_factor_R_free                      ? 
_refine.ls_wR_factor_R_work                      ? 
_refine.occupancy_max                            ? 
_refine.occupancy_min                            ? 
_refine.solvent_model_details                    'FLAT BULK SOLVENT MODEL' 
_refine.solvent_model_param_bsol                 ? 
_refine.solvent_model_param_ksol                 ? 
_refine.pdbx_R_complete                          ? 
_refine.ls_R_factor_gt                           ? 
_refine.ls_goodness_of_fit_gt                    ? 
_refine.ls_goodness_of_fit_ref                   ? 
_refine.ls_shift_over_su_max                     ? 
_refine.ls_shift_over_su_max_lt                  ? 
_refine.ls_shift_over_su_mean                    ? 
_refine.ls_shift_over_su_mean_lt                 ? 
_refine.pdbx_ls_sigma_I                          ? 
_refine.pdbx_ls_sigma_F                          1.38 
_refine.pdbx_ls_sigma_Fsqd                       ? 
_refine.pdbx_data_cutoff_high_absF               ? 
_refine.pdbx_data_cutoff_high_rms_absF           ? 
_refine.pdbx_data_cutoff_low_absF                ? 
_refine.pdbx_isotropic_thermal_model             ? 
_refine.pdbx_ls_cross_valid_method               'FREE R-VALUE' 
_refine.pdbx_method_to_determine_struct          'MOLECULAR REPLACEMENT' 
_refine.pdbx_starting_model                      ? 
_refine.pdbx_stereochemistry_target_values       'GeoStd + Monomer Library + CDL v1.2' 
_refine.pdbx_R_Free_selection_details            ? 
_refine.pdbx_stereochem_target_val_spec_case     ? 
_refine.pdbx_overall_ESU_R                       ? 
_refine.pdbx_overall_ESU_R_Free                  ? 
_refine.pdbx_solvent_vdw_probe_radii             1.1000 
_refine.pdbx_solvent_ion_probe_radii             ? 
_refine.pdbx_solvent_shrinkage_radii             0.9000 
_refine.pdbx_real_space_R                        ? 
_refine.pdbx_density_correlation                 ? 
_refine.pdbx_pd_number_of_powder_patterns        ? 
_refine.pdbx_pd_number_of_points                 ? 
_refine.pdbx_pd_meas_number_of_points            ? 
_refine.pdbx_pd_proc_ls_prof_R_factor            ? 
_refine.pdbx_pd_proc_ls_prof_wR_factor           ? 
_refine.pdbx_pd_Marquardt_correlation_coeff      ? 
_refine.pdbx_pd_Fsqrd_R_factor                   ? 
_refine.pdbx_pd_ls_matrix_band_width             ? 
_refine.pdbx_overall_phase_error                 7.3132 
_refine.pdbx_overall_SU_R_free_Cruickshank_DPI   ? 
_refine.pdbx_overall_SU_R_free_Blow_DPI          ? 
_refine.pdbx_overall_SU_R_Blow_DPI               ? 
_refine.pdbx_TLS_residual_ADP_flag               ? 
_refine.pdbx_diffrn_id                           1 
_refine.overall_SU_B                             ? 
_refine.overall_SU_ML                            0.0450 
_refine.overall_SU_R_Cruickshank_DPI             ? 
_refine.overall_SU_R_free                        ? 
_refine.overall_FOM_free_R_set                   ? 
_refine.overall_FOM_work_R_set                   ? 
_refine.pdbx_average_fsc_overall                 ? 
_refine.pdbx_average_fsc_work                    ? 
_refine.pdbx_average_fsc_free                    ? 
# 
_refine_hist.pdbx_refine_id                   'X-RAY DIFFRACTION' 
_refine_hist.cycle_id                         LAST 
_refine_hist.details                          ? 
_refine_hist.d_res_high                       0.93 
_refine_hist.d_res_low                        14.04 
_refine_hist.number_atoms_solvent             1 
_refine_hist.number_atoms_total               160 
_refine_hist.number_reflns_all                ? 
_refine_hist.number_reflns_obs                ? 
_refine_hist.number_reflns_R_free             ? 
_refine_hist.number_reflns_R_work             ? 
_refine_hist.R_factor_all                     ? 
_refine_hist.R_factor_obs                     ? 
_refine_hist.R_factor_R_free                  ? 
_refine_hist.R_factor_R_work                  ? 
_refine_hist.pdbx_number_residues_total       ? 
_refine_hist.pdbx_B_iso_mean_ligand           ? 
_refine_hist.pdbx_B_iso_mean_solvent          ? 
_refine_hist.pdbx_number_atoms_protein        84 
_refine_hist.pdbx_number_atoms_nucleic_acid   0 
_refine_hist.pdbx_number_atoms_ligand         75 
_refine_hist.pdbx_number_atoms_lipid          ? 
_refine_hist.pdbx_number_atoms_carb           ? 
_refine_hist.pdbx_pseudo_atom_details         ? 
# 
loop_
_refine_ls_restr.pdbx_refine_id 
_refine_ls_restr.criterion 
_refine_ls_restr.dev_ideal 
_refine_ls_restr.dev_ideal_target 
_refine_ls_restr.number 
_refine_ls_restr.rejects 
_refine_ls_restr.type 
_refine_ls_restr.weight 
_refine_ls_restr.pdbx_restraint_function 
'X-RAY DIFFRACTION' ? 0.0135  ? 186 ? f_bond_d           ? ? 
'X-RAY DIFFRACTION' ? 1.7592  ? 249 ? f_angle_d          ? ? 
'X-RAY DIFFRACTION' ? 0.0595  ? 11  ? f_chiral_restr     ? ? 
'X-RAY DIFFRACTION' ? 0.0091  ? 28  ? f_plane_restr      ? ? 
'X-RAY DIFFRACTION' ? 33.1877 ? 22  ? f_dihedral_angle_d ? ? 
# 
loop_
_refine_ls_shell.pdbx_refine_id 
_refine_ls_shell.d_res_high 
_refine_ls_shell.d_res_low 
_refine_ls_shell.number_reflns_all 
_refine_ls_shell.number_reflns_obs 
_refine_ls_shell.number_reflns_R_free 
_refine_ls_shell.number_reflns_R_work 
_refine_ls_shell.percent_reflns_obs 
_refine_ls_shell.percent_reflns_R_free 
_refine_ls_shell.R_factor_all 
_refine_ls_shell.R_factor_obs 
_refine_ls_shell.R_factor_R_free_error 
_refine_ls_shell.R_factor_R_work 
_refine_ls_shell.redundancy_reflns_all 
_refine_ls_shell.redundancy_reflns_obs 
_refine_ls_shell.wR_factor_all 
_refine_ls_shell.wR_factor_obs 
_refine_ls_shell.wR_factor_R_free 
_refine_ls_shell.wR_factor_R_work 
_refine_ls_shell.pdbx_R_complete 
_refine_ls_shell.pdbx_total_number_of_bins_used 
_refine_ls_shell.pdbx_phase_error 
_refine_ls_shell.pdbx_fsc_work 
_refine_ls_shell.pdbx_fsc_free 
_refine_ls_shell.R_factor_R_free 
'X-RAY DIFFRACTION' 0.93 0.97  . . 143 1245 89.95 . . . . 0.1140 . . . . . . . . . . . 0.1409 
'X-RAY DIFFRACTION' 0.97 1.01  . . 125 1268 92.68 . . . . 0.0972 . . . . . . . . . . . 0.1035 
'X-RAY DIFFRACTION' 1.01 1.06  . . 143 1284 96.16 . . . . 0.0849 . . . . . . . . . . . 0.1042 
'X-RAY DIFFRACTION' 1.06 1.13  . . 156 1253 93.68 . . . . 0.0728 . . . . . . . . . . . 0.0908 
'X-RAY DIFFRACTION' 1.13 1.22  . . 136 1291 95.07 . . . . 0.0667 . . . . . . . . . . . 0.0670 
'X-RAY DIFFRACTION' 1.22 1.34  . . 149 1277 96.88 . . . . 0.0662 . . . . . . . . . . . 0.0668 
'X-RAY DIFFRACTION' 1.34 1.53  . . 144 1338 98.15 . . . . 0.0675 . . . . . . . . . . . 0.0755 
'X-RAY DIFFRACTION' 1.54 1.93  . . 134 1325 98.05 . . . . 0.0617 . . . . . . . . . . . 0.0666 
'X-RAY DIFFRACTION' 1.93 14.04 . . 152 1310 97.86 . . . . 0.0626 . . . . . . . . . . . 0.0735 
# 
_struct.entry_id                     9C03 
_struct.title                        'UIC-1-A4S/B7M bound with xylenes' 
_struct.pdbx_model_details           ? 
_struct.pdbx_formula_weight          ? 
_struct.pdbx_formula_weight_method   ? 
_struct.pdbx_model_type_details      ? 
_struct.pdbx_CASP_flag               N 
# 
_struct_keywords.entry_id        9C03 
_struct_keywords.text            'synthetic construct, DE NOVO PROTEIN' 
_struct_keywords.pdbx_keywords   'DE NOVO PROTEIN' 
# 
loop_
_struct_asym.id 
_struct_asym.pdbx_blank_PDB_chainid_flag 
_struct_asym.pdbx_modified 
_struct_asym.entity_id 
_struct_asym.details 
A N N 1 ? 
B N N 2 ? 
C N N 3 ? 
D N N 4 ? 
E N N 5 ? 
F N N 6 ? 
G N N 6 ? 
H N N 6 ? 
I N N 5 ? 
J N N 5 ? 
K N N 7 ? 
# 
_struct_ref.id                         1 
_struct_ref.db_name                    PDB 
_struct_ref.db_code                    9C03 
_struct_ref.pdbx_db_accession          9C03 
_struct_ref.pdbx_db_isoform            ? 
_struct_ref.entity_id                  1 
_struct_ref.pdbx_seq_one_letter_code   ? 
_struct_ref.pdbx_align_begin           1 
# 
_struct_ref_seq.align_id                      1 
_struct_ref_seq.ref_id                        1 
_struct_ref_seq.pdbx_PDB_id_code              9C03 
_struct_ref_seq.pdbx_strand_id                A 
_struct_ref_seq.seq_align_beg                 1 
_struct_ref_seq.pdbx_seq_align_beg_ins_code   ? 
_struct_ref_seq.seq_align_end                 9 
_struct_ref_seq.pdbx_seq_align_end_ins_code   ? 
_struct_ref_seq.pdbx_db_accession             9C03 
_struct_ref_seq.db_align_beg                  2 
_struct_ref_seq.pdbx_db_align_beg_ins_code    ? 
_struct_ref_seq.db_align_end                  10 
_struct_ref_seq.pdbx_db_align_end_ins_code    ? 
_struct_ref_seq.pdbx_auth_seq_align_beg       2 
_struct_ref_seq.pdbx_auth_seq_align_end       10 
# 
_pdbx_struct_assembly.id                   1 
_pdbx_struct_assembly.details              author_and_software_defined_assembly 
_pdbx_struct_assembly.method_details       PISA 
_pdbx_struct_assembly.oligomeric_details   monomeric 
_pdbx_struct_assembly.oligomeric_count     1 
# 
_pdbx_struct_assembly_gen.assembly_id       1 
_pdbx_struct_assembly_gen.oper_expression   1 
_pdbx_struct_assembly_gen.asym_id_list      A,B,C,D,E,F,G,H,I,J,K 
# 
_pdbx_struct_oper_list.id                   1 
_pdbx_struct_oper_list.type                 'identity operation' 
_pdbx_struct_oper_list.name                 1_555 
_pdbx_struct_oper_list.symmetry_operation   x,y,z 
_pdbx_struct_oper_list.matrix[1][1]         1.0000000000 
_pdbx_struct_oper_list.matrix[1][2]         0.0000000000 
_pdbx_struct_oper_list.matrix[1][3]         0.0000000000 
_pdbx_struct_oper_list.vector[1]            0.0000000000 
_pdbx_struct_oper_list.matrix[2][1]         0.0000000000 
_pdbx_struct_oper_list.matrix[2][2]         1.0000000000 
_pdbx_struct_oper_list.matrix[2][3]         0.0000000000 
_pdbx_struct_oper_list.vector[2]            0.0000000000 
_pdbx_struct_oper_list.matrix[3][1]         0.0000000000 
_pdbx_struct_oper_list.matrix[3][2]         0.0000000000 
_pdbx_struct_oper_list.matrix[3][3]         1.0000000000 
_pdbx_struct_oper_list.vector[3]            0.0000000000 
# 
_struct_conf.conf_type_id            HELX_P 
_struct_conf.id                      HELX_P1 
_struct_conf.pdbx_PDB_helix_id       AA1 
_struct_conf.beg_label_comp_id       LEU 
_struct_conf.beg_label_asym_id       A 
_struct_conf.beg_label_seq_id        1 
_struct_conf.pdbx_beg_PDB_ins_code   ? 
_struct_conf.end_label_comp_id       GLN 
_struct_conf.end_label_asym_id       A 
_struct_conf.end_label_seq_id        7 
_struct_conf.pdbx_end_PDB_ins_code   ? 
_struct_conf.beg_auth_comp_id        LEU 
_struct_conf.beg_auth_asym_id        A 
_struct_conf.beg_auth_seq_id         2 
_struct_conf.end_auth_comp_id        GLN 
_struct_conf.end_auth_asym_id        A 
_struct_conf.end_auth_seq_id         8 
_struct_conf.pdbx_PDB_helix_class    1 
_struct_conf.details                 ? 
_struct_conf.pdbx_PDB_helix_length   7 
# 
_struct_conf_type.id          HELX_P 
_struct_conf_type.criteria    ? 
_struct_conf_type.reference   ? 
# 
loop_
_struct_conn.id 
_struct_conn.conn_type_id 
_struct_conn.pdbx_leaving_atom_flag 
_struct_conn.pdbx_PDB_id 
_struct_conn.ptnr1_label_asym_id 
_struct_conn.ptnr1_label_comp_id 
_struct_conn.ptnr1_label_seq_id 
_struct_conn.ptnr1_label_atom_id 
_struct_conn.pdbx_ptnr1_label_alt_id 
_struct_conn.pdbx_ptnr1_PDB_ins_code 
_struct_conn.pdbx_ptnr1_standard_comp_id 
_struct_conn.ptnr1_symmetry 
_struct_conn.ptnr2_label_asym_id 
_struct_conn.ptnr2_label_comp_id 
_struct_conn.ptnr2_label_seq_id 
_struct_conn.ptnr2_label_atom_id 
_struct_conn.pdbx_ptnr2_label_alt_id 
_struct_conn.pdbx_ptnr2_PDB_ins_code 
_struct_conn.ptnr1_auth_asym_id 
_struct_conn.ptnr1_auth_comp_id 
_struct_conn.ptnr1_auth_seq_id 
_struct_conn.ptnr2_auth_asym_id 
_struct_conn.ptnr2_auth_comp_id 
_struct_conn.ptnr2_auth_seq_id 
_struct_conn.ptnr2_symmetry 
_struct_conn.pdbx_ptnr3_label_atom_id 
_struct_conn.pdbx_ptnr3_label_seq_id 
_struct_conn.pdbx_ptnr3_label_comp_id 
_struct_conn.pdbx_ptnr3_label_asym_id 
_struct_conn.pdbx_ptnr3_label_alt_id 
_struct_conn.pdbx_ptnr3_PDB_ins_code 
_struct_conn.details 
_struct_conn.pdbx_dist_value 
_struct_conn.pdbx_value_order 
_struct_conn.pdbx_role 
covale1 covale both ? A LEU 1 C ? ? ? 1_555 A AIB 2 N   ? ? A LEU 2  A AIB 3   1_555 ? ? ? ? ? ? ? 1.332 ? ? 
covale2 covale both ? A LEU 1 N ? ? ? 1_555 C I6W . C02 ? ? A LEU 2  A I6W 102 1_555 ? ? ? ? ? ? ? 1.410 ? ? 
covale3 covale both ? A AIB 2 C ? ? ? 1_555 A SER 3 N   ? ? A AIB 3  A SER 4   1_555 ? ? ? ? ? ? ? 1.333 ? ? 
covale4 covale both ? A SER 3 C ? ? ? 1_555 A AIB 4 N   ? ? A SER 4  A AIB 5   1_555 ? ? ? ? ? ? ? 1.335 ? ? 
covale5 covale both ? A AIB 4 C ? ? ? 1_555 A LEU 5 N   ? ? A AIB 5  A LEU 6   1_555 ? ? ? ? ? ? ? 1.332 ? ? 
covale6 covale both ? A GLN 7 C ? ? ? 1_555 A AIB 8 N   ? ? A GLN 8  A AIB 9   1_555 ? ? ? ? ? ? ? 1.338 ? ? 
covale7 covale both ? A AIB 8 C ? ? ? 1_555 A LEU 9 N   ? ? A AIB 9  A LEU 10  1_555 ? ? ? ? ? ? ? 1.338 ? ? 
covale8 covale both ? A LEU 9 C ? ? ? 1_555 B I77 . N15 ? ? A LEU 10 A I77 101 1_555 ? ? ? ? ? ? ? 1.407 ? ? 
# 
_struct_conn_type.id          covale 
_struct_conn_type.criteria    ? 
_struct_conn_type.reference   ? 
# 
loop_
_pdbx_modification_feature.ordinal 
_pdbx_modification_feature.label_comp_id 
_pdbx_modification_feature.label_asym_id 
_pdbx_modification_feature.label_seq_id 
_pdbx_modification_feature.label_alt_id 
_pdbx_modification_feature.modified_residue_label_comp_id 
_pdbx_modification_feature.modified_residue_label_asym_id 
_pdbx_modification_feature.modified_residue_label_seq_id 
_pdbx_modification_feature.modified_residue_label_alt_id 
_pdbx_modification_feature.auth_comp_id 
_pdbx_modification_feature.auth_asym_id 
_pdbx_modification_feature.auth_seq_id 
_pdbx_modification_feature.PDB_ins_code 
_pdbx_modification_feature.symmetry 
_pdbx_modification_feature.modified_residue_auth_comp_id 
_pdbx_modification_feature.modified_residue_auth_asym_id 
_pdbx_modification_feature.modified_residue_auth_seq_id 
_pdbx_modification_feature.modified_residue_PDB_ins_code 
_pdbx_modification_feature.modified_residue_symmetry 
_pdbx_modification_feature.comp_id_linking_atom 
_pdbx_modification_feature.modified_residue_id_linking_atom 
_pdbx_modification_feature.modified_residue_id 
_pdbx_modification_feature.ref_pcm_id 
_pdbx_modification_feature.ref_comp_id 
_pdbx_modification_feature.type 
_pdbx_modification_feature.category 
1 AIB A 2 ? .   . . . AIB A 3   ? 1_555 .   . .  . .     .   . ALA 1 AIB Methylation 'Named protein modification'     
2 AIB A 4 ? .   . . . AIB A 5   ? 1_555 .   . .  . .     .   . ALA 1 AIB Methylation 'Named protein modification'     
3 AIB A 8 ? .   . . . AIB A 9   ? 1_555 .   . .  . .     .   . ALA 1 AIB Methylation 'Named protein modification'     
4 I77 B . ? LEU A 9 ? I77 A 101 ? 1_555 LEU A 10 ? 1_555 N15 C LEU 1 I77 None        'Covalent chemical modification' 
5 I6W C . ? LEU A 1 ? I6W A 102 ? 1_555 LEU A 2  ? 1_555 C02 N LEU 1 I6W None        'Covalent chemical modification' 
# 
_pdbx_entry_details.entry_id                   9C03 
_pdbx_entry_details.nonpolymer_details         ? 
_pdbx_entry_details.sequence_details           ? 
_pdbx_entry_details.compound_details           ? 
_pdbx_entry_details.source_details             ? 
_pdbx_entry_details.has_ligand_of_interest     Y 
_pdbx_entry_details.has_protein_modification   Y 
# 
loop_
_space_group_symop.id 
_space_group_symop.operation_xyz 
1 x,y,z       
2 -x,y+1/2,-z 
# 
loop_
_chem_comp_atom.comp_id 
_chem_comp_atom.atom_id 
_chem_comp_atom.type_symbol 
_chem_comp_atom.pdbx_aromatic_flag 
_chem_comp_atom.pdbx_stereo_config 
_chem_comp_atom.pdbx_ordinal 
8VH C01    C Y N 1   
8VH C02    C Y N 2   
8VH C03    C Y N 3   
8VH C04    C Y N 4   
8VH C05    C Y N 5   
8VH C06    C Y N 6   
8VH C07    C N N 7   
8VH C08    C N N 8   
8VH H1     H N N 9   
8VH H2     H N N 10  
8VH H3     H N N 11  
8VH H4     H N N 12  
8VH H5     H N N 13  
8VH H6     H N N 14  
8VH H7     H N N 15  
8VH H8     H N N 16  
8VH H9     H N N 17  
8VH H10    H N N 18  
AIB N      N N N 19  
AIB CA     C N N 20  
AIB C      C N N 21  
AIB O      O N N 22  
AIB OXT    O N N 23  
AIB CB1    C N N 24  
AIB CB2    C N N 25  
AIB H      H N N 26  
AIB H2     H N N 27  
AIB HXT    H N N 28  
AIB HB11   H N N 29  
AIB HB12   H N N 30  
AIB HB13   H N N 31  
AIB HB21   H N N 32  
AIB HB22   H N N 33  
AIB HB23   H N N 34  
GLN N      N N N 35  
GLN CA     C N S 36  
GLN C      C N N 37  
GLN O      O N N 38  
GLN CB     C N N 39  
GLN CG     C N N 40  
GLN CD     C N N 41  
GLN OE1    O N N 42  
GLN NE2    N N N 43  
GLN OXT    O N N 44  
GLN H      H N N 45  
GLN H2     H N N 46  
GLN HA     H N N 47  
GLN HB2    H N N 48  
GLN HB3    H N N 49  
GLN HG2    H N N 50  
GLN HG3    H N N 51  
GLN HE21   H N N 52  
GLN HE22   H N N 53  
GLN HXT    H N N 54  
HOH O      O N N 55  
HOH H1     H N N 56  
HOH H2     H N N 57  
I6W C05    C Y N 58  
I6W C08    C Y N 59  
I6W C09    C Y N 60  
I6W N10    N Y N 61  
I6W C02    C N N 62  
I6W C03    C Y N 63  
I6W C04    C Y N 64  
I6W C06    C Y N 65  
I6W C11    C Y N 66  
I6W C12    C Y N 67  
I6W C13    C N N 68  
I6W C15    C N N 69  
I6W C16    C N N 70  
I6W C18    C Y N 71  
I6W C19    C Y N 72  
I6W N07    N Y N 73  
I6W O01    O N N 74  
I6W O14    O N N 75  
I6W O17    O N N 76  
I6W H051   H N N 77  
I6W H041   H N N 78  
I6W H061   H N N 79  
I6W H111   H N N 80  
I6W H152   H N N 81  
I6W H151   H N N 82  
I6W H162   H N N 83  
I6W H163   H N N 84  
I6W H161   H N N 85  
I6W H181   H N N 86  
I6W H191   H N N 87  
I6W OXT    O N N 88  
I6W HXT    H N N 89  
I77 C11    C Y N 90  
I77 C12    C Y N 91  
I77 C13    C N N 92  
I77 C17    C Y N 93  
I77 C18    C Y N 94  
I77 C02    C N N 95  
I77 C03    C Y N 96  
I77 C04    C Y N 97  
I77 C05    C Y N 98  
I77 C06    C Y N 99  
I77 C08    C Y N 100 
I77 C09    C Y N 101 
I77 N01    N N N 102 
I77 N07    N Y N 103 
I77 N10    N Y N 104 
I77 N14    N N N 105 
I77 N15    N N N 106 
I77 O16    O N N 107 
I77 O19    O N N 108 
I77 H111   H N N 109 
I77 H171   H N N 110 
I77 H181   H N N 111 
I77 H041   H N N 112 
I77 H051   H N N 113 
I77 H061   H N N 114 
I77 H011   H N N 115 
I77 H012   H N N 116 
I77 H141   H N N 117 
I77 H1     H N N 118 
I77 H2     H N N 119 
LEU N      N N N 120 
LEU CA     C N S 121 
LEU C      C N N 122 
LEU O      O N N 123 
LEU CB     C N N 124 
LEU CG     C N N 125 
LEU CD1    C N N 126 
LEU CD2    C N N 127 
LEU OXT    O N N 128 
LEU H      H N N 129 
LEU H2     H N N 130 
LEU HA     H N N 131 
LEU HB2    H N N 132 
LEU HB3    H N N 133 
LEU HG     H N N 134 
LEU HD11   H N N 135 
LEU HD12   H N N 136 
LEU HD13   H N N 137 
LEU HD21   H N N 138 
LEU HD22   H N N 139 
LEU HD23   H N N 140 
LEU HXT    H N N 141 
MET N      N N N 142 
MET CA     C N S 143 
MET C      C N N 144 
MET O      O N N 145 
MET CB     C N N 146 
MET CG     C N N 147 
MET SD     S N N 148 
MET CE     C N N 149 
MET OXT    O N N 150 
MET H      H N N 151 
MET H2     H N N 152 
MET HA     H N N 153 
MET HB2    H N N 154 
MET HB3    H N N 155 
MET HG2    H N N 156 
MET HG3    H N N 157 
MET HE1    H N N 158 
MET HE2    H N N 159 
MET HE3    H N N 160 
MET HXT    H N N 161 
OXE C1     C Y N 162 
OXE C2     C Y N 163 
OXE C3     C Y N 164 
OXE C4     C Y N 165 
OXE C5     C Y N 166 
OXE C6     C Y N 167 
OXE "C1'"  C N N 168 
OXE "C2'"  C N N 169 
OXE H3     H N N 170 
OXE H4     H N N 171 
OXE H5     H N N 172 
OXE H6     H N N 173 
OXE "H1'1" H N N 174 
OXE "H1'2" H N N 175 
OXE "H1'3" H N N 176 
OXE "H2'1" H N N 177 
OXE "H2'2" H N N 178 
OXE "H2'3" H N N 179 
PXY C1     C Y N 180 
PXY C2     C Y N 181 
PXY C3     C Y N 182 
PXY C4     C Y N 183 
PXY C5     C Y N 184 
PXY C6     C Y N 185 
PXY "C1'"  C N N 186 
PXY "C4'"  C N N 187 
PXY H2     H N N 188 
PXY H3     H N N 189 
PXY H5     H N N 190 
PXY H6     H N N 191 
PXY "H1'1" H N N 192 
PXY "H1'2" H N N 193 
PXY "H1'3" H N N 194 
PXY "H4'1" H N N 195 
PXY "H4'2" H N N 196 
PXY "H4'3" H N N 197 
SER N      N N N 198 
SER CA     C N S 199 
SER C      C N N 200 
SER O      O N N 201 
SER CB     C N N 202 
SER OG     O N N 203 
SER OXT    O N N 204 
SER H      H N N 205 
SER H2     H N N 206 
SER HA     H N N 207 
SER HB2    H N N 208 
SER HB3    H N N 209 
SER HG     H N N 210 
SER HXT    H N N 211 
# 
loop_
_chem_comp_bond.comp_id 
_chem_comp_bond.atom_id_1 
_chem_comp_bond.atom_id_2 
_chem_comp_bond.value_order 
_chem_comp_bond.pdbx_aromatic_flag 
_chem_comp_bond.pdbx_stereo_config 
_chem_comp_bond.pdbx_ordinal 
8VH C08   C01    sing N N 1   
8VH C06   C01    doub Y N 2   
8VH C06   C05    sing Y N 3   
8VH C01   C02    sing Y N 4   
8VH C05   C04    doub Y N 5   
8VH C02   C03    doub Y N 6   
8VH C04   C03    sing Y N 7   
8VH C03   C07    sing N N 8   
8VH C02   H1     sing N N 9   
8VH C04   H2     sing N N 10  
8VH C05   H3     sing N N 11  
8VH C06   H4     sing N N 12  
8VH C07   H5     sing N N 13  
8VH C07   H6     sing N N 14  
8VH C07   H7     sing N N 15  
8VH C08   H8     sing N N 16  
8VH C08   H9     sing N N 17  
8VH C08   H10    sing N N 18  
AIB N     CA     sing N N 19  
AIB N     H      sing N N 20  
AIB N     H2     sing N N 21  
AIB CA    C      sing N N 22  
AIB CA    CB1    sing N N 23  
AIB CA    CB2    sing N N 24  
AIB C     O      doub N N 25  
AIB C     OXT    sing N N 26  
AIB OXT   HXT    sing N N 27  
AIB CB1   HB11   sing N N 28  
AIB CB1   HB12   sing N N 29  
AIB CB1   HB13   sing N N 30  
AIB CB2   HB21   sing N N 31  
AIB CB2   HB22   sing N N 32  
AIB CB2   HB23   sing N N 33  
GLN N     CA     sing N N 34  
GLN N     H      sing N N 35  
GLN N     H2     sing N N 36  
GLN CA    C      sing N N 37  
GLN CA    CB     sing N N 38  
GLN CA    HA     sing N N 39  
GLN C     O      doub N N 40  
GLN C     OXT    sing N N 41  
GLN CB    CG     sing N N 42  
GLN CB    HB2    sing N N 43  
GLN CB    HB3    sing N N 44  
GLN CG    CD     sing N N 45  
GLN CG    HG2    sing N N 46  
GLN CG    HG3    sing N N 47  
GLN CD    OE1    doub N N 48  
GLN CD    NE2    sing N N 49  
GLN NE2   HE21   sing N N 50  
GLN NE2   HE22   sing N N 51  
GLN OXT   HXT    sing N N 52  
HOH O     H1     sing N N 53  
HOH O     H2     sing N N 54  
I6W O01   C02    doub N N 55  
I6W C02   C03    sing N N 56  
I6W C03   C06    doub Y N 57  
I6W C03   C04    sing Y N 58  
I6W C06   N07    sing Y N 59  
I6W C04   C05    doub Y N 60  
I6W N07   C08    doub Y N 61  
I6W C05   C08    sing Y N 62  
I6W C08   C09    sing N N 63  
I6W C09   C19    doub Y N 64  
I6W C09   N10    sing Y N 65  
I6W C19   C18    sing Y N 66  
I6W N10   C11    doub Y N 67  
I6W C18   C12    doub Y N 68  
I6W C11   C12    sing Y N 69  
I6W C12   C13    sing N N 70  
I6W C13   O17    doub N N 71  
I6W C13   O14    sing N N 72  
I6W O14   C15    sing N N 73  
I6W C15   C16    sing N N 74  
I6W C05   H051   sing N N 75  
I6W C04   H041   sing N N 76  
I6W C06   H061   sing N N 77  
I6W C11   H111   sing N N 78  
I6W C15   H152   sing N N 79  
I6W C15   H151   sing N N 80  
I6W C16   H162   sing N N 81  
I6W C16   H163   sing N N 82  
I6W C16   H161   sing N N 83  
I6W C18   H181   sing N N 84  
I6W C19   H191   sing N N 85  
I6W C02   OXT    sing N N 86  
I6W OXT   HXT    sing N N 87  
I77 N15   N14    sing N N 88  
I77 O16   C13    doub N N 89  
I77 N14   C13    sing N N 90  
I77 C13   C12    sing N N 91  
I77 C12   C17    doub Y N 92  
I77 C12   C11    sing Y N 93  
I77 C17   C18    sing Y N 94  
I77 C11   N10    doub Y N 95  
I77 C18   C09    doub Y N 96  
I77 N10   C09    sing Y N 97  
I77 C09   C08    sing N N 98  
I77 C08   N07    doub Y N 99  
I77 C08   C05    sing Y N 100 
I77 N07   C06    sing Y N 101 
I77 C05   C04    doub Y N 102 
I77 C06   C03    doub Y N 103 
I77 C04   C03    sing Y N 104 
I77 C03   C02    sing N N 105 
I77 C02   N01    sing N N 106 
I77 C02   O19    doub N N 107 
I77 C11   H111   sing N N 108 
I77 C17   H171   sing N N 109 
I77 C18   H181   sing N N 110 
I77 C04   H041   sing N N 111 
I77 C05   H051   sing N N 112 
I77 C06   H061   sing N N 113 
I77 N01   H011   sing N N 114 
I77 N01   H012   sing N N 115 
I77 N14   H141   sing N N 116 
I77 N15   H1     sing N N 117 
I77 N15   H2     sing N N 118 
LEU N     CA     sing N N 119 
LEU N     H      sing N N 120 
LEU N     H2     sing N N 121 
LEU CA    C      sing N N 122 
LEU CA    CB     sing N N 123 
LEU CA    HA     sing N N 124 
LEU C     O      doub N N 125 
LEU C     OXT    sing N N 126 
LEU CB    CG     sing N N 127 
LEU CB    HB2    sing N N 128 
LEU CB    HB3    sing N N 129 
LEU CG    CD1    sing N N 130 
LEU CG    CD2    sing N N 131 
LEU CG    HG     sing N N 132 
LEU CD1   HD11   sing N N 133 
LEU CD1   HD12   sing N N 134 
LEU CD1   HD13   sing N N 135 
LEU CD2   HD21   sing N N 136 
LEU CD2   HD22   sing N N 137 
LEU CD2   HD23   sing N N 138 
LEU OXT   HXT    sing N N 139 
MET N     CA     sing N N 140 
MET N     H      sing N N 141 
MET N     H2     sing N N 142 
MET CA    C      sing N N 143 
MET CA    CB     sing N N 144 
MET CA    HA     sing N N 145 
MET C     O      doub N N 146 
MET C     OXT    sing N N 147 
MET CB    CG     sing N N 148 
MET CB    HB2    sing N N 149 
MET CB    HB3    sing N N 150 
MET CG    SD     sing N N 151 
MET CG    HG2    sing N N 152 
MET CG    HG3    sing N N 153 
MET SD    CE     sing N N 154 
MET CE    HE1    sing N N 155 
MET CE    HE2    sing N N 156 
MET CE    HE3    sing N N 157 
MET OXT   HXT    sing N N 158 
OXE C1    C2     doub Y N 159 
OXE C1    C6     sing Y N 160 
OXE C1    "C1'"  sing N N 161 
OXE C2    C3     sing Y N 162 
OXE C2    "C2'"  sing N N 163 
OXE C3    C4     doub Y N 164 
OXE C3    H3     sing N N 165 
OXE C4    C5     sing Y N 166 
OXE C4    H4     sing N N 167 
OXE C5    C6     doub Y N 168 
OXE C5    H5     sing N N 169 
OXE C6    H6     sing N N 170 
OXE "C1'" "H1'1" sing N N 171 
OXE "C1'" "H1'2" sing N N 172 
OXE "C1'" "H1'3" sing N N 173 
OXE "C2'" "H2'1" sing N N 174 
OXE "C2'" "H2'2" sing N N 175 
OXE "C2'" "H2'3" sing N N 176 
PXY C1    C2     doub Y N 177 
PXY C1    C6     sing Y N 178 
PXY C1    "C1'"  sing N N 179 
PXY C2    C3     sing Y N 180 
PXY C2    H2     sing N N 181 
PXY C3    C4     doub Y N 182 
PXY C3    H3     sing N N 183 
PXY C4    C5     sing Y N 184 
PXY C4    "C4'"  sing N N 185 
PXY C5    C6     doub Y N 186 
PXY C5    H5     sing N N 187 
PXY C6    H6     sing N N 188 
PXY "C1'" "H1'1" sing N N 189 
PXY "C1'" "H1'2" sing N N 190 
PXY "C1'" "H1'3" sing N N 191 
PXY "C4'" "H4'1" sing N N 192 
PXY "C4'" "H4'2" sing N N 193 
PXY "C4'" "H4'3" sing N N 194 
SER N     CA     sing N N 195 
SER N     H      sing N N 196 
SER N     H2     sing N N 197 
SER CA    C      sing N N 198 
SER CA    CB     sing N N 199 
SER CA    HA     sing N N 200 
SER C     O      doub N N 201 
SER C     OXT    sing N N 202 
SER CB    OG     sing N N 203 
SER CB    HB2    sing N N 204 
SER CB    HB3    sing N N 205 
SER OG    HG     sing N N 206 
SER OXT   HXT    sing N N 207 
# 
_pdbx_audit_support.funding_organization   'Department of Energy (DOE, United States)' 
_pdbx_audit_support.country                'United States' 
_pdbx_audit_support.grant_number           DE-AC02-06CH11357 
_pdbx_audit_support.ordinal                1 
# 
_pdbx_initial_refinement_model.id               1 
_pdbx_initial_refinement_model.entity_id_list   ? 
_pdbx_initial_refinement_model.type             'experimental model' 
_pdbx_initial_refinement_model.source_name      PDB 
_pdbx_initial_refinement_model.accession_code   7TLS 
_pdbx_initial_refinement_model.details          ? 
# 
_space_group.name_H-M_alt     'P 1 21 1' 
_space_group.name_Hall        'P 2yb' 
_space_group.IT_number        4 
_space_group.crystal_system   monoclinic 
_space_group.id               1 
# 
_atom_sites.entry_id                    9C03 
_atom_sites.Cartn_transf_matrix[1][1]   ? 
_atom_sites.Cartn_transf_matrix[1][2]   ? 
_atom_sites.Cartn_transf_matrix[1][3]   ? 
_atom_sites.Cartn_transf_matrix[2][1]   ? 
_atom_sites.Cartn_transf_matrix[2][2]   ? 
_atom_sites.Cartn_transf_matrix[2][3]   ? 
_atom_sites.Cartn_transf_matrix[3][1]   ? 
_atom_sites.Cartn_transf_matrix[3][2]   ? 
_atom_sites.Cartn_transf_matrix[3][3]   ? 
_atom_sites.Cartn_transf_vector[1]      ? 
_atom_sites.Cartn_transf_vector[2]      ? 
_atom_sites.Cartn_transf_vector[3]      ? 
_atom_sites.Cartn_transform_axes        ? 
_atom_sites.fract_transf_matrix[1][1]   -0.00661217 
_atom_sites.fract_transf_matrix[1][2]   0.04151174 
_atom_sites.fract_transf_matrix[1][3]   -0.06127312 
_atom_sites.fract_transf_matrix[2][1]   0.02824066 
_atom_sites.fract_transf_matrix[2][2]   0.05847594 
_atom_sites.fract_transf_matrix[2][3]   0.03656915 
_atom_sites.fract_transf_matrix[3][1]   0.03151621 
_atom_sites.fract_transf_matrix[3][2]   -0.00539733 
_atom_sites.fract_transf_matrix[3][3]   -0.01570790 
_atom_sites.fract_transf_vector[1]      -0.414736 
_atom_sites.fract_transf_vector[2]      -0.212356 
_atom_sites.fract_transf_vector[3]      -0.177146 
_atom_sites.solution_primary            ? 
_atom_sites.solution_secondary          ? 
_atom_sites.solution_hydrogens          ? 
_atom_sites.special_details             ? 
# 
loop_
_atom_type.symbol 
_atom_type.scat_dispersion_real 
_atom_type.scat_dispersion_imag 
_atom_type.scat_Cromer_Mann_a1 
_atom_type.scat_Cromer_Mann_a2 
_atom_type.scat_Cromer_Mann_a3 
_atom_type.scat_Cromer_Mann_a4 
_atom_type.scat_Cromer_Mann_b1 
_atom_type.scat_Cromer_Mann_b2 
_atom_type.scat_Cromer_Mann_b3 
_atom_type.scat_Cromer_Mann_b4 
_atom_type.scat_Cromer_Mann_c 
_atom_type.scat_source 
_atom_type.scat_dispersion_source 
C ? ? 2.51340 1.74867 1.72398 ? 31.80534 0.44561  10.58317 ? 0.0 
;3-Gaussian fit: Grosse-Kunstleve RW, Sauter NK, Adams PD: Newsletter of the IUCr Commission on Crystallographic Computing 2004, 3, 22-31.
;
? 
H ? ? 0.53795 0.34799 0.11320 ? 10.08003 29.74760 2.57510  ? 0.0 
;3-Gaussian fit: Grosse-Kunstleve RW, Sauter NK, Adams PD: Newsletter of the IUCr Commission on Crystallographic Computing 2004, 3, 22-31.
;
? 
N ? ? 2.99955 2.25584 1.72788 ? 23.27268 7.45433  0.31622  ? 0.0 
;3-Gaussian fit: Grosse-Kunstleve RW, Sauter NK, Adams PD: Newsletter of the IUCr Commission on Crystallographic Computing 2004, 3, 22-31.
;
? 
O ? ? 4.49882 3.47563 ?       ? 15.80542 1.70748  ?        ? 0.0 
;2-Gaussian fit: Grosse-Kunstleve RW, Sauter NK, Adams PD: Newsletter of the IUCr Commission on Crystallographic Computing 2004, 3, 22-31.
;
? 
S ? ? 9.55732 6.39887 ?       ? 1.23737  29.19336 ?        ? 0.0 
;2-Gaussian fit: Grosse-Kunstleve RW, Sauter NK, Adams PD: Newsletter of the IUCr Commission on Crystallographic Computing 2004, 3, 22-31.
;
? 
# 
loop_
_atom_site.group_PDB 
_atom_site.id 
_atom_site.type_symbol 
_atom_site.label_atom_id 
_atom_site.label_alt_id 
_atom_site.label_comp_id 
_atom_site.label_asym_id 
_atom_site.label_entity_id 
_atom_site.label_seq_id 
_atom_site.pdbx_PDB_ins_code 
_atom_site.Cartn_x 
_atom_site.Cartn_y 
_atom_site.Cartn_z 
_atom_site.occupancy 
_atom_site.B_iso_or_equiv 
_atom_site.pdbx_formal_charge 
_atom_site.auth_seq_id 
_atom_site.auth_comp_id 
_atom_site.auth_asym_id 
_atom_site.auth_atom_id 
_atom_site.pdbx_PDB_model_num 
ATOM   1   N N      . LEU A 1 1 ? -5.30278  -0.65400 -5.75189 1.000 3.51248  ? 2   LEU A N      1 
ATOM   2   C CA     . LEU A 1 1 ? -3.93453  -1.03014 -5.99537 1.000 3.44262  ? 2   LEU A CA     1 
ATOM   3   C C      . LEU A 1 1 ? -2.96957  -0.22794 -5.10780 1.000 3.29317  ? 2   LEU A C      1 
ATOM   4   O O      . LEU A 1 1 ? -2.05876  -0.78306 -4.48938 1.000 3.35861  ? 2   LEU A O      1 
ATOM   5   C CB     . LEU A 1 1 ? -3.59439  -0.82434 -7.47406 1.000 3.90749  ? 2   LEU A CB     1 
ATOM   6   C CG     . LEU A 1 1 ? -2.12511  -1.01526 -7.83499 1.000 4.23971  ? 2   LEU A CG     1 
ATOM   7   C CD1    . LEU A 1 1 ? -1.64716  -2.44343 -7.60435 1.000 4.95919  ? 2   LEU A CD1    1 
ATOM   8   C CD2    . LEU A 1 1 ? -1.88756  -0.61534 -9.26867 1.000 5.06217  ? 2   LEU A CD2    1 
ATOM   9   H H1     . LEU A 1 1 ? -5.82366  -0.72020 -6.43234 1.000 4.21498  ? 2   LEU A H1     1 
ATOM   10  H HA     . LEU A 1 1 ? -3.81557  -1.96861 -5.78083 1.000 4.13114  ? 2   LEU A HA     1 
ATOM   11  H HB2    . LEU A 1 1 ? -4.10712  -1.46045 -7.99691 1.000 4.68899  ? 2   LEU A HB2    1 
ATOM   12  H HB3    . LEU A 1 1 ? -3.83891  0.08136  -7.72063 1.000 4.68899  ? 2   LEU A HB3    1 
ATOM   13  H HG     . LEU A 1 1 ? -1.60126  -0.44594 -7.24989 1.000 5.08765  ? 2   LEU A HG     1 
ATOM   14  H HD11   . LEU A 1 1 ? -0.69046  -2.48513 -7.75892 1.000 5.95103  ? 2   LEU A HD11   1 
ATOM   15  H HD12   . LEU A 1 1 ? -1.84597  -2.69921 -6.69005 1.000 5.95103  ? 2   LEU A HD12   1 
ATOM   16  H HD13   . LEU A 1 1 ? -2.10786  -3.03404 -8.22067 1.000 5.95103  ? 2   LEU A HD13   1 
ATOM   17  H HD21   . LEU A 1 1 ? -0.93221  -0.58374 -9.43357 1.000 6.07460  ? 2   LEU A HD21   1 
ATOM   18  H HD22   . LEU A 1 1 ? -2.30245  -1.26994 -9.85201 1.000 6.07460  ? 2   LEU A HD22   1 
ATOM   19  H HD23   . LEU A 1 1 ? -2.27874  0.25901  -9.42159 1.000 6.07460  ? 2   LEU A HD23   1 
HETATM 20  N N      . AIB A 1 2 ? -3.14781  1.09192  -5.06884 1.000 3.25728  ? 3   AIB A N      1 
HETATM 21  C CA     . AIB A 1 2 ? -2.24577  1.93514  -4.29373 1.000 3.22059  ? 3   AIB A CA     1 
HETATM 22  C C      . AIB A 1 2 ? -2.19380  1.42511  -2.84273 1.000 3.33479  ? 3   AIB A C      1 
HETATM 23  O O      . AIB A 1 2 ? -1.13828  1.32936  -2.22200 1.000 3.58882  ? 3   AIB A O      1 
HETATM 24  C CB1    . AIB A 1 2 ? -0.83562  1.94173  -4.89768 1.000 3.69186  ? 3   AIB A CB1    1 
HETATM 25  C CB2    . AIB A 1 2 ? -2.77821  3.37526  -4.24373 1.000 3.57819  ? 3   AIB A CB2    1 
HETATM 26  H H      . AIB A 1 2 ? -3.62887  1.62440  -5.76673 1.000 3.90873  ? 3   AIB A H      1 
HETATM 27  H HB11   . AIB A 1 2 ? -0.46857  0.89363  -5.00811 1.000 4.43023  ? 3   AIB A HB11   1 
HETATM 28  H HB12   . AIB A 1 2 ? -0.85793  2.43099  -5.90046 1.000 4.43023  ? 3   AIB A HB12   1 
HETATM 29  H HB13   . AIB A 1 2 ? -0.14242  2.50544  -4.22898 1.000 4.43023  ? 3   AIB A HB13   1 
HETATM 30  H HB21   . AIB A 1 2 ? -2.78239  3.79871  -5.27735 1.000 4.29382  ? 3   AIB A HB21   1 
HETATM 31  H HB22   . AIB A 1 2 ? -3.81684  3.36610  -3.83282 1.000 4.29382  ? 3   AIB A HB22   1 
HETATM 32  H HB23   . AIB A 1 2 ? -2.11467  3.98682  -3.58541 1.000 4.29382  ? 3   AIB A HB23   1 
ATOM   33  N N      . SER A 1 3 ? -3.36566  1.11052  -2.29100 1.000 3.43580  ? 4   SER A N      1 
ATOM   34  C CA     . SER A 1 3 ? -3.46787  0.63461  -0.90690 1.000 3.46208  ? 4   SER A CA     1 
ATOM   35  C C      . SER A 1 3 ? -2.77172  -0.70675 -0.70007 1.000 3.37685  ? 4   SER A C      1 
ATOM   36  O O      . SER A 1 3 ? -2.15580  -0.94880 0.34344  1.000 3.69770  ? 4   SER A O      1 
ATOM   37  C CB     . SER A 1 3 ? -4.92762  0.53214  -0.48579 1.000 4.12707  ? 4   SER A CB     1 
ATOM   38  O OG     . SER A 1 3 ? -5.55261  1.80527  -0.45718 1.000 4.98815  ? 4   SER A OG     1 
ATOM   39  H H      . SER A 1 3 ? -4.12157  1.16360  -2.69768 1.000 4.12295  ? 4   SER A H      1 
ATOM   40  H HA     . SER A 1 3 ? -3.02313  1.27916  -0.33449 1.000 4.15449  ? 4   SER A HA     1 
ATOM   41  H HB2    . SER A 1 3 ? -5.39711  -0.03272 -1.11935 1.000 4.95248  ? 4   SER A HB2    1 
ATOM   42  H HB3    . SER A 1 3 ? -4.97067  0.14247  0.40146  1.000 4.95248  ? 4   SER A HB3    1 
ATOM   43  H HG     . SER A 1 3 ? -6.36250  1.72315  -0.24998 1.000 5.98578  ? 4   SER A HG     1 
HETATM 44  N N      . AIB A 1 4 ? -2.90876  -1.58676 -1.69445 1.000 3.21037  ? 5   AIB A N      1 
HETATM 45  C CA     . AIB A 1 4 ? -2.29705  -2.90701 -1.66478 1.000 3.45594  ? 5   AIB A CA     1 
HETATM 46  C C      . AIB A 1 4 ? -0.77861  -2.77676 -1.44052 1.000 3.30702  ? 5   AIB A C      1 
HETATM 47  O O      . AIB A 1 4 ? -0.13334  -3.61336 -0.80491 1.000 3.90447  ? 5   AIB A O      1 
HETATM 48  C CB1    . AIB A 1 4 ? -2.93717  -3.76978 -0.55568 1.000 4.00871  ? 5   AIB A CB1    1 
HETATM 49  C CB2    . AIB A 1 4 ? -2.50852  -3.59916 -3.01687 1.000 3.85895  ? 5   AIB A CB2    1 
HETATM 50  H H      . AIB A 1 4 ? -3.11649  -1.33327 -2.64028 1.000 3.85244  ? 5   AIB A H      1 
HETATM 51  H HB11   . AIB A 1 4 ? -4.03557  -3.85643 -0.73303 1.000 4.81045  ? 5   AIB A HB11   1 
HETATM 52  H HB12   . AIB A 1 4 ? -2.48229  -4.78885 -0.56187 1.000 4.81045  ? 5   AIB A HB12   1 
HETATM 53  H HB13   . AIB A 1 4 ? -2.76175  -3.29497 0.43892  1.000 4.81045  ? 5   AIB A HB13   1 
HETATM 54  H HB21   . AIB A 1 4 ? -2.07702  -4.62843 -2.97120 1.000 4.63074  ? 5   AIB A HB21   1 
HETATM 55  H HB22   . AIB A 1 4 ? -3.60345  -3.65546 -3.23053 1.000 4.63074  ? 5   AIB A HB22   1 
HETATM 56  H HB23   . AIB A 1 4 ? -1.99599  -3.00745 -3.81367 1.000 4.63074  ? 5   AIB A HB23   1 
ATOM   57  N N      . LEU A 1 5 ? -0.19272  -1.72623 -2.01338 1.000 3.33961  ? 6   LEU A N      1 
ATOM   58  C CA     . LEU A 1 5 ? 1.22751   -1.43936 -1.83583 1.000 3.39368  ? 6   LEU A CA     1 
ATOM   59  C C      . LEU A 1 5 ? 1.50213   -0.63478 -0.56095 1.000 3.35315  ? 6   LEU A C      1 
ATOM   60  O O      . LEU A 1 5 ? 2.44378   -0.93972 0.18678  1.000 3.68414  ? 6   LEU A O      1 
ATOM   61  C CB     . LEU A 1 5 ? 1.79083   -0.65672 -3.02782 1.000 3.49794  ? 6   LEU A CB     1 
ATOM   62  C CG     . LEU A 1 5 ? 2.21009   -1.46168 -4.24848 1.000 4.02670  ? 6   LEU A CG     1 
ATOM   63  C CD1    . LEU A 1 5 ? 1.09730   -2.33177 -4.80894 1.000 4.88074  ? 6   LEU A CD1    1 
ATOM   64  C CD2    . LEU A 1 5 ? 2.73493   -0.51292 -5.31050 1.000 5.10140  ? 6   LEU A CD2    1 
ATOM   65  H H      . LEU A 1 5 ? -0.60120  -1.15924 -2.51464 1.000 4.00754  ? 6   LEU A H      1 
ATOM   66  H HA     . LEU A 1 5 ? 1.68274   -2.29337 -1.76996 1.000 4.07241  ? 6   LEU A HA     1 
ATOM   67  H HB2    . LEU A 1 5 ? 1.11055   -0.03095 -3.32200 1.000 4.19752  ? 6   LEU A HB2    1 
ATOM   68  H HB3    . LEU A 1 5 ? 2.57583   -0.17472 -2.72392 1.000 4.19752  ? 6   LEU A HB3    1 
ATOM   69  H HG     . LEU A 1 5 ? 2.90825   -2.07824 -3.97768 1.000 4.83204  ? 6   LEU A HG     1 
ATOM   70  H HD11   . LEU A 1 5 ? 1.43792   -2.82976 -5.56846 1.000 5.85689  ? 6   LEU A HD11   1 
ATOM   71  H HD12   . LEU A 1 5 ? 0.79765   -2.94442 -4.11919 1.000 5.85689  ? 6   LEU A HD12   1 
ATOM   72  H HD13   . LEU A 1 5 ? 0.36257   -1.76354 -5.08858 1.000 5.85689  ? 6   LEU A HD13   1 
ATOM   73  H HD21   . LEU A 1 5 ? 3.22950   -1.02168 -5.97190 1.000 6.12168  ? 6   LEU A HD21   1 
ATOM   74  H HD22   . LEU A 1 5 ? 1.98507   -0.06406 -5.73138 1.000 6.12168  ? 6   LEU A HD22   1 
ATOM   75  H HD23   . LEU A 1 5 ? 3.31781   0.13923  -4.89116 1.000 6.12168  ? 6   LEU A HD23   1 
ATOM   76  N N      A MET A 1 6 ? 0.69361   0.41135  -0.32584 0.627 3.14407  ? 7   MET A N      1 
ATOM   77  N N      B MET A 1 6 ? 0.70388   0.41146  -0.33054 0.230 3.68226  ? 7   MET A N      1 
ATOM   78  N N      C MET A 1 6 ? 0.69502   0.39765  -0.33193 0.142 3.95343  ? 7   MET A N      1 
ATOM   79  C CA     A MET A 1 6 ? 0.94858   1.32546  0.78677  0.627 3.02590  ? 7   MET A CA     1 
ATOM   80  C CA     B MET A 1 6 ? 0.97708   1.31207  0.78169  0.230 4.13747  ? 7   MET A CA     1 
ATOM   81  C CA     C MET A 1 6 ? 0.95212   1.30515  0.77532  0.142 4.55571  ? 7   MET A CA     1 
ATOM   82  C C      A MET A 1 6 ? 0.76909   0.65084  2.14301  0.627 3.12815  ? 7   MET A C      1 
ATOM   83  C C      B MET A 1 6 ? 0.76705   0.65345  2.14008  0.230 3.66606  ? 7   MET A C      1 
ATOM   84  C C      C MET A 1 6 ? 0.74607   0.66076  2.13691  0.142 3.93734  ? 7   MET A C      1 
ATOM   85  O O      A MET A 1 6 ? 1.26344   1.17287  3.14574  0.627 3.21411  ? 7   MET A O      1 
ATOM   86  O O      B MET A 1 6 ? 1.21974   1.20722  3.14646  0.230 3.69875  ? 7   MET A O      1 
ATOM   87  O O      C MET A 1 6 ? 1.16012   1.24582  3.14262  0.142 4.00500  ? 7   MET A O      1 
ATOM   88  C CB     A MET A 1 6 ? 0.06281   2.57167  0.68305  0.627 3.06677  ? 7   MET A CB     1 
ATOM   89  C CB     B MET A 1 6 ? 0.15011   2.59532  0.65710  0.230 5.24738  ? 7   MET A CB     1 
ATOM   90  C CB     C MET A 1 6 ? 0.08921   2.55021  0.62324  0.142 5.67436  ? 7   MET A CB     1 
ATOM   91  C CG     A MET A 1 6 ? 0.51077   3.55699  -0.37019 0.627 3.31584  ? 7   MET A CG     1 
ATOM   92  C CG     B MET A 1 6 ? 0.51006   3.43459  -0.58044 0.230 6.76457  ? 7   MET A CG     1 
ATOM   93  C CG     C MET A 1 6 ? 0.79198   3.82618  1.02988  0.142 6.37810  ? 7   MET A CG     1 
ATOM   94  S SD     A MET A 1 6 ? -0.44573  5.08014  -0.25096 0.627 4.29989  ? 7   MET A SD     1 
ATOM   95  S SD     B MET A 1 6 ? -0.28035  5.05756  -0.66882 0.230 8.35646  ? 7   MET A SD     1 
ATOM   96  S SD     C MET A 1 6 ? -0.17672  5.30892  0.74199  0.142 6.38947  ? 7   MET A SD     1 
ATOM   97  C CE     A MET A 1 6 ? -0.04321  5.84293  -1.83761 0.627 4.43888  ? 7   MET A CE     1 
ATOM   98  C CE     B MET A 1 6 ? 0.15967   5.71960  0.93808  0.230 9.66162  ? 7   MET A CE     1 
ATOM   99  C CE     C MET A 1 6 ? -1.16329  4.83978  -0.65148 0.142 7.44340  ? 7   MET A CE     1 
ATOM   100 H H      A MET A 1 6 ? -0.00068  0.60730  -0.79400 0.627 3.77289  ? 7   MET A H      1 
ATOM   101 H H      B MET A 1 6 ? 0.01102   0.61454  -0.79777 0.230 4.41871  ? 7   MET A H      1 
ATOM   102 H H      C MET A 1 6 ? -0.00041  0.59047  -0.79970 0.142 4.74412  ? 7   MET A H      1 
ATOM   103 H HA     A MET A 1 6 ? 1.86421   1.63866  0.72020  0.627 3.63109  ? 7   MET A HA     1 
ATOM   104 H HA     B MET A 1 6 ? 1.90602   1.58623  0.72882  0.230 4.96496  ? 7   MET A HA     1 
ATOM   105 H HA     C MET A 1 6 ? 1.87779   1.59232  0.73566  0.142 5.46686  ? 7   MET A HA     1 
ATOM   106 H HB2    A MET A 1 6 ? -0.84005  2.29395  0.46256  0.627 3.68012  ? 7   MET A HB2    1 
ATOM   107 H HB2    B MET A 1 6 ? -0.78838  2.35843  0.59370  0.230 6.29685  ? 7   MET A HB2    1 
ATOM   108 H HB2    C MET A 1 6 ? -0.17139  2.63817  -0.30694 0.142 6.80923  ? 7   MET A HB2    1 
ATOM   109 H HB3    A MET A 1 6 ? 0.06951   3.02994  1.53794  0.627 3.68012  ? 7   MET A HB3    1 
ATOM   110 H HB3    B MET A 1 6 ? 0.30159   3.14331  1.44302  0.230 6.29685  ? 7   MET A HB3    1 
ATOM   111 H HB3    C MET A 1 6 ? -0.69869  2.45444  1.18088  0.142 6.80923  ? 7   MET A HB3    1 
ATOM   112 H HG2    A MET A 1 6 ? 1.44838   3.76862  -0.23983 0.627 3.97901  ? 7   MET A HG2    1 
ATOM   113 H HG2    B MET A 1 6 ? 1.46917   3.57947  -0.58391 0.230 8.11749  ? 7   MET A HG2    1 
ATOM   114 H HG2    C MET A 1 6 ? 0.99257   3.78354  1.97796  0.142 7.65373  ? 7   MET A HG2    1 
ATOM   115 H HG3    A MET A 1 6 ? 0.37638   3.17462  -1.25146 0.627 3.97901  ? 7   MET A HG3    1 
ATOM   116 H HG3    B MET A 1 6 ? 0.24624   2.94093  -1.37266 0.230 8.11749  ? 7   MET A HG3    1 
ATOM   117 H HG3    C MET A 1 6 ? 1.61343   3.90614  0.52026  0.142 7.65373  ? 7   MET A HG3    1 
ATOM   118 H HE1    A MET A 1 6 ? -0.50269  6.69461  -1.90417 0.627 5.32666  ? 7   MET A HE1    1 
ATOM   119 H HE1    B MET A 1 6 ? -0.21848  6.60834  1.02780  0.230 11.59394 ? 7   MET A HE1    1 
ATOM   120 H HE1    C MET A 1 6 ? -1.60677  5.62720  -1.00388 0.142 8.93208  ? 7   MET A HE1    1 
ATOM   121 H HE2    A MET A 1 6 ? 0.91578   5.97964  -1.88804 0.627 5.32666  ? 7   MET A HE2    1 
ATOM   122 H HE2    B MET A 1 6 ? -0.19618  5.13756  1.62765  0.230 11.59394 ? 7   MET A HE2    1 
ATOM   123 H HE2    C MET A 1 6 ? -0.58797  4.45275  -1.32979 0.142 8.93208  ? 7   MET A HE2    1 
ATOM   124 H HE3    A MET A 1 6 ? -0.33156  5.25473  -2.55299 0.627 5.32666  ? 7   MET A HE3    1 
ATOM   125 H HE3    B MET A 1 6 ? 1.12617   5.76276  1.00797  0.230 11.59394 ? 7   MET A HE3    1 
ATOM   126 H HE3    C MET A 1 6 ? -1.82304  4.18835  -0.36634 0.142 8.93208  ? 7   MET A HE3    1 
ATOM   127 N N      . GLN A 1 7 ? 0.13771   -0.51781 2.19906  1.000 3.28480  ? 8   GLN A N      1 
ATOM   128 C CA     . GLN A 1 7 ? 0.06691   -1.24991 3.45673  1.000 3.24926  ? 8   GLN A CA     1 
ATOM   129 C C      . GLN A 1 7 ? 1.47219   -1.48339 4.03763  1.000 3.16664  ? 8   GLN A C      1 
ATOM   130 O O      . GLN A 1 7 ? 1.61396   -1.59734 5.25683  1.000 3.39770  ? 8   GLN A O      1 
ATOM   131 C CB     . GLN A 1 7 ? -0.65024  -2.58627 3.30829  1.000 3.28228  ? 8   GLN A CB     1 
ATOM   132 C CG     . GLN A 1 7 ? 0.12031   -3.62951 2.49641  1.000 3.53922  ? 8   GLN A CG     1 
ATOM   133 C CD     . GLN A 1 7 ? -0.60444  -4.94840 2.42960  1.000 3.55058  ? 8   GLN A CD     1 
ATOM   134 O OE1    . GLN A 1 7 ? -1.04235  -5.49674 3.45250  1.000 3.61360  ? 8   GLN A OE1    1 
ATOM   135 N NE2    . GLN A 1 7 ? -0.69530  -5.50005 1.23020  1.000 3.85007  ? 8   GLN A NE2    1 
ATOM   136 H H      . GLN A 1 7 ? -0.25054  -0.90035 1.53383  1.000 3.94176  ? 8   GLN A H      1 
ATOM   137 H HA     . GLN A 1 7 ? -0.44993  -0.71449 4.07890  1.000 3.89911  ? 8   GLN A HA     1 
ATOM   138 H HB2    . GLN A 1 7 ? -0.80209  -2.95580 4.19220  1.000 3.93874  ? 8   GLN A HB2    1 
ATOM   139 H HB3    . GLN A 1 7 ? -1.49800  -2.43459 2.86199  1.000 3.93874  ? 8   GLN A HB3    1 
ATOM   140 H HG2    . GLN A 1 7 ? 0.23886   -3.30361 1.59053  1.000 4.24707  ? 8   GLN A HG2    1 
ATOM   141 H HG3    . GLN A 1 7 ? 0.98443   -3.78018 2.91053  1.000 4.24707  ? 8   GLN A HG3    1 
ATOM   142 H HE21   . GLN A 1 7 ? -0.35111  -5.10522 0.54812  1.000 4.62008  ? 8   GLN A HE21   1 
ATOM   143 H HE22   . GLN A 1 7 ? -1.09855  -6.25338 1.13282  1.000 4.62008  ? 8   GLN A HE22   1 
HETATM 144 N N      . AIB A 1 8 ? 2.50525   -1.55624 3.19096  1.000 3.29304  ? 9   AIB A N      1 
HETATM 145 C CA     . AIB A 1 8 ? 3.89592   -1.68449 3.64423  1.000 3.50304  ? 9   AIB A CA     1 
HETATM 146 C C      . AIB A 1 8 ? 4.26107   -0.56894 4.65137  1.000 3.32105  ? 9   AIB A C      1 
HETATM 147 O O      . AIB A 1 8 ? 5.09362   -0.75836 5.54807  1.000 4.07229  ? 9   AIB A O      1 
HETATM 148 C CB1    . AIB A 1 8 ? 4.15544   -3.05376 4.28992  1.000 3.81964  ? 9   AIB A CB1    1 
HETATM 149 C CB2    . AIB A 1 8 ? 4.81439   -1.50106 2.41834  1.000 3.95750  ? 9   AIB A CB2    1 
HETATM 150 H H      . AIB A 1 8 ? 2.48837   -1.19588 2.25723  1.000 3.95165  ? 9   AIB A H      1 
HETATM 151 H HB11   . AIB A 1 8 ? 3.95866   -3.86338 3.54745  1.000 4.58356  ? 9   AIB A HB11   1 
HETATM 152 H HB12   . AIB A 1 8 ? 5.21719   -3.11526 4.62810  1.000 4.58356  ? 9   AIB A HB12   1 
HETATM 153 H HB13   . AIB A 1 8 ? 3.48127   -3.18925 5.16889  1.000 4.58356  ? 9   AIB A HB13   1 
HETATM 154 H HB21   . AIB A 1 8 ? 4.68774   -0.46547 2.01935  1.000 4.74900  ? 9   AIB A HB21   1 
HETATM 155 H HB22   . AIB A 1 8 ? 5.87503   -1.66095 2.73002  1.000 4.74900  ? 9   AIB A HB22   1 
HETATM 156 H HB23   . AIB A 1 8 ? 4.53187   -2.24668 1.63607  1.000 4.74900  ? 9   AIB A HB23   1 
ATOM   157 N N      . LEU A 1 9 ? 3.65691   0.60513  4.43284  1.000 3.25742  ? 10  LEU A N      1 
ATOM   158 C CA     . LEU A 1 9 ? 3.87708   1.79848  5.25188  1.000 3.49098  ? 10  LEU A CA     1 
ATOM   159 C C      . LEU A 1 9 ? 2.70888   2.06205  6.17659  1.000 3.54679  ? 10  LEU A C      1 
ATOM   160 O O      . LEU A 1 9 ? 2.53893   3.12865  6.74304  1.000 4.66880  ? 10  LEU A O      1 
ATOM   161 C CB     . LEU A 1 9 ? 4.10296   3.02469  4.36103  1.000 3.83398  ? 10  LEU A CB     1 
ATOM   162 C CG     . LEU A 1 9 ? 5.22964   2.87738  3.34680  1.000 4.30315  ? 10  LEU A CG     1 
ATOM   163 C CD1    . LEU A 1 9 ? 5.35997   4.15776  2.53130  1.000 5.45759  ? 10  LEU A CD1    1 
ATOM   164 C CD2    . LEU A 1 9 ? 6.54729   2.52437  4.00916  1.000 4.98357  ? 10  LEU A CD2    1 
ATOM   165 H H      . LEU A 1 9 ? 3.09647   0.73884  3.79438  1.000 3.90890  ? 10  LEU A H      1 
ATOM   166 H HA     . LEU A 1 9 ? 4.66770   1.65472  5.79516  1.000 4.18918  ? 10  LEU A HA     1 
ATOM   167 H HB2    . LEU A 1 9 ? 3.28650   3.20073  3.86779  1.000 4.60077  ? 10  LEU A HB2    1 
ATOM   168 H HB3    . LEU A 1 9 ? 4.31739   3.78152  4.92861  1.000 4.60077  ? 10  LEU A HB3    1 
ATOM   169 H HG     . LEU A 1 9 ? 5.01419   2.14398  2.74964  1.000 5.16378  ? 10  LEU A HG     1 
ATOM   170 H HD11   . LEU A 1 9 ? 6.06761   4.04510  1.87750  1.000 6.54911  ? 10  LEU A HD11   1 
ATOM   171 H HD12   . LEU A 1 9 ? 4.51864   4.33259  2.08131  1.000 6.54911  ? 10  LEU A HD12   1 
ATOM   172 H HD13   . LEU A 1 9 ? 5.57472   4.89174  3.12800  1.000 6.54911  ? 10  LEU A HD13   1 
ATOM   173 H HD21   . LEU A 1 9 ? 7.25612   2.57467  3.34891  1.000 5.98028  ? 10  LEU A HD21   1 
ATOM   174 H HD22   . LEU A 1 9 ? 6.71858   3.15392  4.72696  1.000 5.98028  ? 10  LEU A HD22   1 
ATOM   175 H HD23   . LEU A 1 9 ? 6.49041   1.62396  4.36545  1.000 5.98028  ? 10  LEU A HD23   1 
HETATM 176 C C11    . I77 B 2 . ? -1.47789  2.39186  8.56474  1.000 4.45536  ? 101 I77 A C11    1 
HETATM 177 C C12    . I77 B 2 . ? -0.63415  1.42145  9.07569  1.000 3.75981  ? 101 I77 A C12    1 
HETATM 178 C C13    . I77 B 2 . ? 0.71013   1.15493  8.46582  1.000 3.67490  ? 101 I77 A C13    1 
HETATM 179 C C17    . I77 B 2 . ? -1.03386  0.68274  10.17592 1.000 3.90941  ? 101 I77 A C17    1 
HETATM 180 C C18    . I77 B 2 . ? -2.26694  0.93075  10.71980 1.000 3.56283  ? 101 I77 A C18    1 
HETATM 181 C C02    . I77 B 2 . ? -8.35087  2.72149  12.17150 1.000 3.68689  ? 101 I77 A C02    1 
HETATM 182 C C03    . I77 B 2 . ? -6.92580  2.52149  11.69644 1.000 3.50405  ? 101 I77 A C03    1 
HETATM 183 C C04    . I77 B 2 . ? -6.50925  3.25734  10.60727 1.000 4.12299  ? 101 I77 A C04    1 
HETATM 184 C C05    . I77 B 2 . ? -5.24195  3.06598  10.11273 1.000 3.91144  ? 101 I77 A C05    1 
HETATM 185 C C06    . I77 B 2 . ? -6.04390  1.63576  12.27723 1.000 3.78538  ? 101 I77 A C06    1 
HETATM 186 C C08    . I77 B 2 . ? -4.41536  2.15222  10.73359 1.000 3.49930  ? 101 I77 A C08    1 
HETATM 187 C C09    . I77 B 2 . ? -3.06028  1.91546  10.17344 1.000 3.62592  ? 101 I77 A C09    1 
HETATM 188 N N01    . I77 B 2 . ? -8.75553  1.90931  13.22281 1.000 4.18654  ? 101 I77 A N01    1 
HETATM 189 N N07    . I77 B 2 . ? -4.81314  1.44693  11.79668 1.000 3.87068  ? 101 I77 A N07    1 
HETATM 190 N N10    . I77 B 2 . ? -2.66556  2.61918  9.11042  1.000 4.56988  ? 101 I77 A N10    1 
HETATM 191 N N14    . I77 B 2 . ? 0.67680   1.20439  7.06722  1.000 3.60104  ? 101 I77 A N14    1 
HETATM 192 N N15    . I77 B 2 . ? 1.82343   0.98193  6.34683  1.000 3.50160  ? 101 I77 A N15    1 
HETATM 193 O O16    . I77 B 2 . ? 1.70275   0.90539  9.08648  1.000 4.95891  ? 101 I77 A O16    1 
HETATM 194 O O19    . I77 B 2 . ? -9.12773  3.47971  11.64487 1.000 4.05605  ? 101 I77 A O19    1 
HETATM 195 H H111   . I77 B 2 . ? -1.16549  2.97201  7.71030  1.000 5.34643  ? 101 I77 A H111   1 
HETATM 196 H H171   . I77 B 2 . ? -0.38152  -0.08020 10.60074 1.000 4.69130  ? 101 I77 A H171   1 
HETATM 197 H H181   . I77 B 2 . ? -2.61604  0.35560  11.57484 1.000 4.27539  ? 101 I77 A H181   1 
HETATM 198 H H041   . I77 B 2 . ? -7.16823  3.97203  10.15074 1.000 4.94759  ? 101 I77 A H041   1 
HETATM 199 H H051   . I77 B 2 . ? -4.89737  3.62284  9.25013  1.000 4.69372  ? 101 I77 A H051   1 
HETATM 200 H H061   . I77 B 2 . ? -6.35838  1.07742  13.14782 1.000 4.54246  ? 101 I77 A H061   1 
HETATM 201 H H011   . I77 B 2 . ? -8.11319  1.27105  13.63927 1.000 5.02385  ? 101 I77 A H011   1 
HETATM 202 H H012   . I77 B 2 . ? -9.70014  1.99161  13.56949 1.000 5.02385  ? 101 I77 A H012   1 
HETATM 203 H H141   . I77 B 2 . ? -0.18661  1.40277  6.59054  1.000 4.32124  ? 101 I77 A H141   1 
HETATM 204 H H1     . I77 B 2 . ? 1.53993   0.85665  5.39619  1.000 4.20192  ? 101 I77 A H1     1 
HETATM 205 C C05    . I6W C 3 . ? -9.17701  0.92564  -4.60538 1.000 3.52072  ? 102 I6W A C05    1 
HETATM 206 C C08    . I6W C 3 . ? -9.70361  0.42064  -3.45635 1.000 3.81683  ? 102 I6W A C08    1 
HETATM 207 C C09    . I6W C 3 . ? -11.07272 0.86291  -3.02511 1.000 3.95879  ? 102 I6W A C09    1 
HETATM 208 N N10    . I6W C 3 . ? -11.77308 1.69453  -3.78700 1.000 4.48525  ? 102 I6W A N10    1 
HETATM 209 C C02    . I6W C 3 . ? -5.80418  -0.79162 -4.44153 1.000 3.58427  ? 102 I6W A C02    1 
HETATM 210 C C03    . I6W C 3 . ? -7.22290  -0.33399 -4.18823 1.000 3.74097  ? 102 I6W A C03    1 
HETATM 211 C C04    . I6W C 3 . ? -7.91586  0.53332  -5.00015 1.000 3.64465  ? 102 I6W A C04    1 
HETATM 212 C C06    . I6W C 3 . ? -7.81233  -0.81377 -3.04550 1.000 4.37778  ? 102 I6W A C06    1 
HETATM 213 C C11    . I6W C 3 . ? -12.98392 2.08959  -3.40055 1.000 4.41754  ? 102 I6W A C11    1 
HETATM 214 C C12    . I6W C 3 . ? -13.51214 1.67467  -2.18780 1.000 4.41775  ? 102 I6W A C12    1 
HETATM 215 C C13    . I6W C 3 . ? -14.88185 2.14476  -1.72650 1.000 4.38427  ? 102 I6W A C13    1 
HETATM 216 C C15    . I6W C 3 . ? -16.81229 3.34863  -2.36541 1.000 4.81299  ? 102 I6W A C15    1 
HETATM 217 C C16    . I6W C 3 . ? -17.21292 4.24897  -3.53583 1.000 5.68481  ? 102 I6W A C16    1 
HETATM 218 C C18    . I6W C 3 . ? -12.78565 0.84906  -1.37853 1.000 5.37171  ? 102 I6W A C18    1 
HETATM 219 C C19    . I6W C 3 . ? -11.54513 0.43511  -1.80308 1.000 4.85305  ? 102 I6W A C19    1 
HETATM 220 N N07    . I6W C 3 . ? -9.03467  -0.43645 -2.67942 1.000 4.77794  ? 102 I6W A N07    1 
HETATM 221 O O01    . I6W C 3 . ? -5.08187  -1.10404 -3.53035 1.000 4.00292  ? 102 I6W A O01    1 
HETATM 222 O O14    . I6W C 3 . ? -15.52187 2.84414  -2.70829 1.000 4.55619  ? 102 I6W A O14    1 
HETATM 223 O O17    . I6W C 3 . ? -15.33002 1.94151  -0.64270 1.000 5.46414  ? 102 I6W A O17    1 
HETATM 224 H H051   . I6W C 3 . ? -9.73569  1.61902  -5.19508 1.000 4.22486  ? 102 I6W A H051   1 
HETATM 225 H H041   . I6W C 3 . ? -7.46757  0.90984  -5.95497 1.000 4.37358  ? 102 I6W A H041   1 
HETATM 226 H H061   . I6W C 3 . ? -7.26723  -1.51885 -2.42494 1.000 5.25333  ? 102 I6W A H061   1 
HETATM 227 H H111   . I6W C 3 . ? -13.55387 2.73207  -4.03031 1.000 5.30105  ? 102 I6W A H111   1 
HETATM 228 H H152   . I6W C 3 . ? -16.76431 3.92003  -1.44667 1.000 5.77559  ? 102 I6W A H152   1 
HETATM 229 H H151   . I6W C 3 . ? -17.51948 2.53619  -2.25269 1.000 5.77559  ? 102 I6W A H151   1 
HETATM 230 H H162   . I6W C 3 . ? -16.74959 3.87110  -4.46631 1.000 6.82177  ? 102 I6W A H162   1 
HETATM 231 H H163   . I6W C 3 . ? -16.86467 5.28076  -3.34255 1.000 6.82177  ? 102 I6W A H163   1 
HETATM 232 H H161   . I6W C 3 . ? -18.31368 4.24485  -3.64340 1.000 6.82177  ? 102 I6W A H161   1 
HETATM 233 H H181   . I6W C 3 . ? -13.17998 0.52426  -0.41568 1.000 6.44605  ? 102 I6W A H181   1 
HETATM 234 H H191   . I6W C 3 . ? -10.94276 -0.22335 -1.18073 1.000 5.82366  ? 102 I6W A H191   1 
HETATM 235 C C1     . PXY D 4 . ? 6.16397   2.03817  -0.62204 1.000 5.36179  ? 103 PXY A C1     1 
HETATM 236 C C2     . PXY D 4 . ? 6.46635   3.11567  -1.43712 1.000 6.75236  ? 103 PXY A C2     1 
HETATM 237 C C3     . PXY D 4 . ? 5.51026   3.68239  -2.26000 1.000 7.70842  ? 103 PXY A C3     1 
HETATM 238 C C4     . PXY D 4 . ? 4.20833   3.19721  -2.27059 1.000 6.81591  ? 103 PXY A C4     1 
HETATM 239 C C5     . PXY D 4 . ? 3.90453   2.14436  -1.44111 1.000 5.09584  ? 103 PXY A C5     1 
HETATM 240 C C6     . PXY D 4 . ? 4.87684   1.54916  -0.64923 1.000 5.03497  ? 103 PXY A C6     1 
HETATM 241 C "C1'"  . PXY D 4 . ? 7.22697   1.40304  0.21837  1.000 6.96253  ? 103 PXY A "C1'"  1 
HETATM 242 C "C4'"  . PXY D 4 . ? 3.14505   3.79089  -3.15218 1.000 8.44950  ? 103 PXY A "C4'"  1 
HETATM 243 H H2     . PXY D 4 . ? 7.32796   3.46566  -1.43203 1.000 8.10283  ? 103 PXY A H2     1 
HETATM 244 H H3     . PXY D 4 . ? 5.74191   4.39485  -2.81104 1.000 9.25010  ? 103 PXY A H3     1 
HETATM 245 H H5     . PXY D 4 . ? 3.03207   1.82395  -1.40886 1.000 6.11501  ? 103 PXY A H5     1 
HETATM 246 H H6     . PXY D 4 . ? 4.65482   0.81002  -0.13032 1.000 6.04196  ? 103 PXY A H6     1 
HETATM 247 H "H1'1" . PXY D 4 . ? 7.35413   1.89057  1.04725  1.000 8.35504  ? 103 PXY A "H1'1" 1 
HETATM 248 H "H1'2" . PXY D 4 . ? 8.07686   1.38522  -0.24883 1.000 8.35504  ? 103 PXY A "H1'2" 1 
HETATM 249 H "H1'3" . PXY D 4 . ? 6.99336   0.48913  0.44444  1.000 8.35504  ? 103 PXY A "H1'3" 1 
HETATM 250 H "H4'1" . PXY D 4 . ? 2.86162   3.15916  -3.83150 1.000 10.13940 ? 103 PXY A "H4'1" 1 
HETATM 251 H "H4'2" . PXY D 4 . ? 2.36302   4.04154  -2.63594 1.000 10.13940 ? 103 PXY A "H4'2" 1 
HETATM 252 H "H4'3" . PXY D 4 . ? 3.46928   4.58583  -3.60366 1.000 10.13940 ? 103 PXY A "H4'3" 1 
HETATM 253 C C01    A 8VH E 5 . ? -2.45397  2.63391  3.41424  0.607 6.74463  ? 104 8VH A C01    1 
HETATM 254 C C02    A 8VH E 5 . ? -2.97243  3.78076  2.82973  0.607 7.55900  ? 104 8VH A C02    1 
HETATM 255 C C03    A 8VH E 5 . ? -2.37860  5.00744  3.05693  0.607 8.25240  ? 104 8VH A C03    1 
HETATM 256 C C04    A 8VH E 5 . ? -1.25052  5.09621  3.85520  0.607 8.22680  ? 104 8VH A C04    1 
HETATM 257 C C05    A 8VH E 5 . ? -0.72642  3.95005  4.44511  0.607 8.23784  ? 104 8VH A C05    1 
HETATM 258 C C06    A 8VH E 5 . ? -1.33389  2.72867  4.21469  0.607 7.26048  ? 104 8VH A C06    1 
HETATM 259 C C07    A 8VH E 5 . ? -3.00233  6.24704  2.41473  0.607 9.00577  ? 104 8VH A C07    1 
HETATM 260 C C08    A 8VH E 5 . ? -3.09851  1.27285  3.15589  0.607 6.71166  ? 104 8VH A C08    1 
HETATM 261 H H1     A 8VH E 5 . ? -3.84592  3.71402  2.19299  0.607 9.07080  ? 104 8VH A H1     1 
HETATM 262 H H2     A 8VH E 5 . ? -0.77696  6.05612  4.02012  0.607 9.87217  ? 104 8VH A H2     1 
HETATM 263 H H3     A 8VH E 5 . ? 0.14936   4.01360  5.07904  0.607 9.88541  ? 104 8VH A H3     1 
HETATM 264 H H4     A 8VH E 5 . ? -0.92479  1.83462  4.66878  0.607 8.71258  ? 104 8VH A H4     1 
HETATM 265 H H5     A 8VH E 5 . ? -2.96993  7.07184  3.11583  0.607 10.80692 ? 104 8VH A H5     1 
HETATM 266 H H6     A 8VH E 5 . ? -4.03163  6.03771  2.15088  0.607 10.80692 ? 104 8VH A H6     1 
HETATM 267 H H7     A 8VH E 5 . ? -2.44718  6.50949  1.52264  0.607 10.80692 ? 104 8VH A H7     1 
HETATM 268 H H8     A 8VH E 5 . ? -2.35486  0.58976  2.76441  0.607 8.05399  ? 104 8VH A H8     1 
HETATM 269 H H9     A 8VH E 5 . ? -3.49677  0.88017  4.08329  0.607 8.05399  ? 104 8VH A H9     1 
HETATM 270 H H10    A 8VH E 5 . ? -3.90071  1.38399  2.43686  0.607 8.05399  ? 104 8VH A H10    1 
HETATM 271 C C1     A OXE F 6 . ? -7.20876  -3.29591 3.68869  0.693 4.90030  ? 105 OXE A C1     1 
HETATM 272 C C2     A OXE F 6 . ? -7.02083  -1.92124 3.86895  0.693 4.82675  ? 105 OXE A C2     1 
HETATM 273 C C3     A OXE F 6 . ? -5.82037  -1.35018 3.47326  0.693 6.31120  ? 105 OXE A C3     1 
HETATM 274 C C4     A OXE F 6 . ? -4.80357  -2.08314 2.89690  0.693 6.78941  ? 105 OXE A C4     1 
HETATM 275 C C5     A OXE F 6 . ? -4.98643  -3.43658 2.71132  0.693 7.05835  ? 105 OXE A C5     1 
HETATM 276 C C6     A OXE F 6 . ? -6.17908  -4.02937 3.10792  0.693 6.11352  ? 105 OXE A C6     1 
HETATM 277 C "C1'"  A OXE F 6 . ? -8.47217  -3.96194 4.10630  0.693 5.73156  ? 105 OXE A "C1'"  1 
HETATM 278 C "C2'"  A OXE F 6 . ? -8.07140  -1.06038 4.48300  0.693 4.80366  ? 105 OXE A "C2'"  1 
HETATM 279 H H3     A OXE F 6 . ? -5.69883  -0.43729 3.60272  0.693 7.57344  ? 105 OXE A H3     1 
HETATM 280 H H4     A OXE F 6 . ? -4.01189  -1.66820 2.64007  0.693 8.14729  ? 105 OXE A H4     1 
HETATM 281 H H5     A OXE F 6 . ? -4.31812  -3.95395 2.32329  0.693 8.47002  ? 105 OXE A H5     1 
HETATM 282 H H6     A OXE F 6 . ? -6.29486  -4.94357 2.98243  0.693 7.33622  ? 105 OXE A H6     1 
HETATM 283 H "H1'1" A OXE F 6 . ? -8.68516  -3.78258 5.03549  0.693 6.87787  ? 105 OXE A "H1'1" 1 
HETATM 284 H "H1'2" A OXE F 6 . ? -8.42209  -4.92567 4.00828  0.693 6.87787  ? 105 OXE A "H1'2" 1 
HETATM 285 H "H1'3" A OXE F 6 . ? -9.22963  -3.66276 3.57937  0.693 6.87787  ? 105 OXE A "H1'3" 1 
HETATM 286 H "H2'1" A OXE F 6 . ? -8.91908  -1.13677 4.01769  0.693 5.76440  ? 105 OXE A "H2'1" 1 
HETATM 287 H "H2'2" A OXE F 6 . ? -8.23536  -1.29534 5.40973  0.693 5.76440  ? 105 OXE A "H2'2" 1 
HETATM 288 H "H2'3" A OXE F 6 . ? -7.82442  -0.12246 4.46853  0.693 5.76440  ? 105 OXE A "H2'3" 1 
HETATM 289 C C1     B OXE G 6 . ? -2.70826  4.40708  2.98215  0.408 11.30123 ? 106 OXE A C1     1 
HETATM 290 C C2     B OXE G 6 . ? -1.71269  3.88621  3.83008  0.408 11.00977 ? 106 OXE A C2     1 
HETATM 291 C C3     B OXE G 6 . ? -1.68719  2.52382  4.09231  0.408 10.59029 ? 106 OXE A C3     1 
HETATM 292 C C4     B OXE G 6 . ? -2.62434  1.66946  3.53422  0.408 10.38023 ? 106 OXE A C4     1 
HETATM 293 C C5     B OXE G 6 . ? -3.60235  2.18020  2.70056  0.408 10.19083 ? 106 OXE A C5     1 
HETATM 294 C C6     B OXE G 6 . ? -3.64267  3.54020  2.42778  0.408 10.49548 ? 106 OXE A C6     1 
HETATM 295 C "C1'"  B OXE G 6 . ? -2.78073  5.87326  2.68173  0.408 11.94982 ? 106 OXE A "C1'"  1 
HETATM 296 C "C2'"  B OXE G 6 . ? -0.67711  4.76848  4.46024  0.408 11.88163 ? 106 OXE A "C2'"  1 
HETATM 297 H H3     B OXE G 6 . ? -1.02874  2.18107  4.65255  0.408 12.70835 ? 106 OXE A H3     1 
HETATM 298 H H4     B OXE G 6 . ? -2.59227  0.75910  3.72164  0.408 12.45628 ? 106 OXE A H4     1 
HETATM 299 H H5     B OXE G 6 . ? -4.23568  1.61529  2.32018  0.408 12.22899 ? 106 OXE A H5     1 
HETATM 300 H H6     B OXE G 6 . ? -4.30274  3.87864  1.86683  0.408 12.59458 ? 106 OXE A H6     1 
HETATM 301 H "H1'1" B OXE G 6 . ? -2.88796  6.40236  3.48763  0.408 14.33979 ? 106 OXE A "H1'1" 1 
HETATM 302 H "H1'2" B OXE G 6 . ? -3.52810  6.08668  2.10141  0.408 14.33979 ? 106 OXE A "H1'2" 1 
HETATM 303 H "H1'3" B OXE G 6 . ? -1.97853  6.19143  2.23883  0.408 14.33979 ? 106 OXE A "H1'3" 1 
HETATM 304 H "H2'1" B OXE G 6 . ? -0.16981  5.26158  3.79661  0.408 14.25796 ? 106 OXE A "H2'1" 1 
HETATM 305 H "H2'2" B OXE G 6 . ? -1.07375  5.42274  5.05647  0.408 14.25796 ? 106 OXE A "H2'2" 1 
HETATM 306 H "H2'3" B OXE G 6 . ? -0.03840  4.25952  4.98360  0.408 14.25796 ? 106 OXE A "H2'3" 1 
HETATM 307 C C1     A OXE H 6 . ? -9.57543  2.13732  2.62543  0.606 12.03993 ? 107 OXE A C1     1 
HETATM 308 C C1     B OXE H 6 . ? -9.33837  2.45857  3.03817  0.394 12.76910 ? 107 OXE A C1     1 
HETATM 309 C C2     A OXE H 6 . ? -9.56092  2.83917  3.84418  0.606 12.88753 ? 107 OXE A C2     1 
HETATM 310 C C2     B OXE H 6 . ? -8.99232  3.12180  4.22707  0.394 11.99775 ? 107 OXE A C2     1 
HETATM 311 C C3     A OXE H 6 . ? -8.35773  3.28356  4.37077  0.606 11.93966 ? 107 OXE A C3     1 
HETATM 312 C C3     B OXE H 6 . ? -7.65565  3.36370  4.51001  0.394 12.93520 ? 107 OXE A C3     1 
HETATM 313 C C4     A OXE H 6 . ? -7.16381  3.05009  3.70406  0.606 11.67646 ? 107 OXE A C4     1 
HETATM 314 C C4     B OXE H 6 . ? -6.65746  2.96083  3.63826  0.394 13.90761 ? 107 OXE A C4     1 
HETATM 315 C C5     A OXE H 6 . ? -7.17602  2.37293  2.49705  0.606 11.13268 ? 107 OXE A C5     1 
HETATM 316 C C5     B OXE H 6 . ? -6.99549  2.30606  2.46373  0.394 14.20394 ? 107 OXE A C5     1 
HETATM 317 C C6     A OXE H 6 . ? -8.37395  1.91333  1.97252  0.606 11.34540 ? 107 OXE A C6     1 
HETATM 318 C C6     B OXE H 6 . ? -8.32845  2.05545  2.17215  0.394 13.73057 ? 107 OXE A C6     1 
HETATM 319 C "C1'"  A OXE H 6 . ? -10.83631 1.62272  2.00777  0.606 12.55337 ? 107 OXE A "C1'"  1 
HETATM 320 C "C1'"  B OXE H 6 . ? -10.76664 2.17230  2.69652  0.394 12.66928 ? 107 OXE A "C1'"  1 
HETATM 321 C "C2'"  A OXE H 6 . ? -10.80526 3.11806  4.61149  0.606 15.05196 ? 107 OXE A "C2'"  1 
HETATM 322 C "C2'"  B OXE H 6 . ? -10.03406 3.57522  5.19485  0.394 11.43309 ? 107 OXE A "C2'"  1 
HETATM 323 H H3     A OXE H 6 . ? -8.35396  3.74266  5.17954  0.606 14.32759 ? 107 OXE A H3     1 
HETATM 324 H H3     B OXE H 6 . ? -7.42931  3.80322  5.29773  0.394 15.52224 ? 107 OXE A H3     1 
HETATM 325 H H4     A OXE H 6 . ? -6.36232  3.34848  4.06943  0.606 14.01175 ? 107 OXE A H4     1 
HETATM 326 H H4     B OXE H 6 . ? -5.76642  3.13062  3.84351  0.394 16.68913 ? 107 OXE A H4     1 
HETATM 327 H H5     A OXE H 6 . ? -6.38298  2.22408  2.03462  0.606 13.35922 ? 107 OXE A H5     1 
HETATM 328 H H5     B OXE H 6 . ? -6.33350  2.03378  1.86999  0.394 17.04472 ? 107 OXE A H5     1 
HETATM 329 H H6     A OXE H 6 . ? -8.37396  1.44614  1.16838  0.606 13.61448 ? 107 OXE A H6     1 
HETATM 330 H H6     B OXE H 6 . ? -8.55230  1.61134  1.38630  0.394 16.47668 ? 107 OXE A H6     1 
HETATM 331 H "H1'1" A OXE H 6 . ? -11.46122 2.33841  1.81239  0.606 15.06405 ? 107 OXE A "H1'1" 1 
HETATM 332 H "H1'1" B OXE H 6 . ? -11.28243 2.98661  2.58807  0.394 15.20313 ? 107 OXE A "H1'1" 1 
HETATM 333 H "H1'2" A OXE H 6 . ? -11.29509 0.99749  2.59043  0.606 15.06405 ? 107 OXE A "H1'2" 1 
HETATM 334 H "H1'2" B OXE H 6 . ? -11.20513 1.64909  3.38564  0.394 15.20313 ? 107 OXE A "H1'2" 1 
HETATM 335 H "H1'3" A OXE H 6 . ? -10.66661 1.15923  1.17273  0.606 15.06405 ? 107 OXE A "H1'3" 1 
HETATM 336 H "H1'3" B OXE H 6 . ? -10.84713 1.67379  1.86832  0.394 15.20313 ? 107 OXE A "H1'3" 1 
HETATM 337 H "H2'1" A OXE H 6 . ? -11.51516 3.45124  4.04059  0.606 18.06235 ? 107 OXE A "H2'1" 1 
HETATM 338 H "H2'1" B OXE H 6 . ? -10.64939 4.20858  4.79346  0.394 13.71971 ? 107 OXE A "H2'1" 1 
HETATM 339 H "H2'2" A OXE H 6 . ? -11.14527 2.32276  5.05057  0.606 18.06235 ? 107 OXE A "H2'2" 1 
HETATM 340 H "H2'2" B OXE H 6 . ? -10.56633 2.83515  5.52633  0.394 13.71971 ? 107 OXE A "H2'2" 1 
HETATM 341 H "H2'3" A OXE H 6 . ? -10.66244 3.78347  5.30266  0.606 18.06235 ? 107 OXE A "H2'3" 1 
HETATM 342 H "H2'3" B OXE H 6 . ? -9.64374  4.01153  5.96827  0.394 13.71971 ? 107 OXE A "H2'3" 1 
HETATM 343 C C01    C 8VH I 5 . ? -8.90427  3.17892  4.27982  0.060 13.24609 ? 108 8VH A C01    1 
HETATM 344 C C02    C 8VH I 5 . ? -10.02625 2.65977  3.65452  0.060 13.54818 ? 108 8VH A C02    1 
HETATM 345 C C03    C 8VH I 5 . ? -9.89157  1.93675  2.48051  0.060 13.80773 ? 108 8VH A C03    1 
HETATM 346 C C04    C 8VH I 5 . ? -8.63636  1.73641  1.93078  0.060 13.50866 ? 108 8VH A C04    1 
HETATM 347 C C05    C 8VH I 5 . ? -7.51516  2.25511  2.55654  0.060 13.24757 ? 108 8VH A C05    1 
HETATM 348 C C06    C 8VH I 5 . ? -7.64934  2.97636  3.73079  0.060 13.10250 ? 108 8VH A C06    1 
HETATM 349 C C07    C 8VH I 5 . ? -11.12566 1.36428  1.78698  0.060 14.30117 ? 108 8VH A C07    1 
HETATM 350 C C08    C 8VH I 5 . ? -9.04695  3.97581  5.57429  0.060 13.06006 ? 108 8VH A C08    1 
HETATM 351 H H1     C 8VH I 5 . ? -11.00796 2.81906  4.08323  0.060 16.25782 ? 108 8VH A H1     1 
HETATM 352 H H2     C 8VH I 5 . ? -8.53157  1.17394  1.01125  0.060 16.21039 ? 108 8VH A H2     1 
HETATM 353 H H3     C 8VH I 5 . ? -6.53349  2.09663  2.12748  0.060 15.89708 ? 108 8VH A H3     1 
HETATM 354 H H4     C 8VH I 5 . ? -6.77249  3.38220  4.22001  0.060 15.72300 ? 108 8VH A H4     1 
HETATM 355 H H5     C 8VH I 5 . ? -11.05516 0.28395  1.75848  0.060 17.16140 ? 108 8VH A H5     1 
HETATM 356 H H6     C 8VH I 5 . ? -11.18285 1.74913  0.77628  0.060 17.16140 ? 108 8VH A H6     1 
HETATM 357 H H7     C 8VH I 5 . ? -12.01420 1.65377  2.33433  0.060 17.16140 ? 108 8VH A H7     1 
HETATM 358 H H8     C 8VH I 5 . ? -8.09791  3.99019  6.09581  0.060 15.67208 ? 108 8VH A H8     1 
HETATM 359 H H9     C 8VH I 5 . ? -9.34692  4.99029  5.34246  0.060 15.67208 ? 108 8VH A H9     1 
HETATM 360 H H10    C 8VH I 5 . ? -9.79726  3.51217  6.20275  0.060 15.67208 ? 108 8VH A H10    1 
HETATM 361 C C01    B 8VH J 5 . ? -7.47337  -3.25951 3.73360  0.316 14.50833 ? 109 8VH A C01    1 
HETATM 362 C C02    B 8VH J 5 . ? -6.67395  -4.28398 3.25752  0.316 13.62215 ? 109 8VH A C02    1 
HETATM 363 C C03    B 8VH J 5 . ? -5.38374  -4.01110 2.83855  0.316 12.47498 ? 109 8VH A C03    1 
HETATM 364 C C04    B 8VH J 5 . ? -4.89002  -2.71755 2.90152  0.316 11.75929 ? 109 8VH A C04    1 
HETATM 365 C C05    B 8VH J 5 . ? -5.69237  -1.69421 3.37671  0.316 12.14022 ? 109 8VH A C05    1 
HETATM 366 C C06    B 8VH J 5 . ? -6.98541  -1.96459 3.79426  0.316 13.24186 ? 109 8VH A C06    1 
HETATM 367 C C07    B 8VH J 5 . ? -4.49791  -5.13752 2.31609  0.316 12.47855 ? 109 8VH A C07    1 
HETATM 368 C C08    B 8VH J 5 . ? -8.89677  -3.55607 4.19409  0.316 16.33520 ? 109 8VH A C08    1 
HETATM 369 H H1     B 8VH J 5 . ? -7.05695  -5.29603 3.21303  0.316 16.34658 ? 109 8VH A H1     1 
HETATM 370 H H2     B 8VH J 5 . ? -3.87762  -2.50750 2.57933  0.316 14.11115 ? 109 8VH A H2     1 
HETATM 371 H H3     B 8VH J 5 . ? -5.30918  -0.68228 3.42205  0.316 14.56826 ? 109 8VH A H3     1 
HETATM 372 H H4     B 8VH J 5 . ? -7.61345  -1.16505 4.16736  0.316 15.89023 ? 109 8VH A H4     1 
HETATM 373 H H5     B 8VH J 5 . ? -4.91807  -6.09209 2.60792  0.316 14.97426 ? 109 8VH A H5     1 
HETATM 374 H H6     B 8VH J 5 . ? -3.50357  -5.03797 2.73353  0.316 14.97426 ? 109 8VH A H6     1 
HETATM 375 H H7     B 8VH J 5 . ? -4.44318  -5.08226 1.23589  0.316 14.97426 ? 109 8VH A H7     1 
HETATM 376 H H8     B 8VH J 5 . ? -9.36505  -2.63993 4.53216  0.316 19.60224 ? 109 8VH A H8     1 
HETATM 377 H H9     B 8VH J 5 . ? -9.46446  -3.96861 3.36921  0.316 19.60224 ? 109 8VH A H9     1 
HETATM 378 H H10    B 8VH J 5 . ? -8.87149  -4.27023 5.00786  0.316 19.60224 ? 109 8VH A H10    1 
HETATM 379 O O      A HOH K 7 . ? -3.64303  -6.31852 2.40267  0.251 5.53818  ? 201 HOH A O      1 
# 
loop_
_atom_site_anisotrop.id 
_atom_site_anisotrop.type_symbol 
_atom_site_anisotrop.pdbx_label_atom_id 
_atom_site_anisotrop.pdbx_label_alt_id 
_atom_site_anisotrop.pdbx_label_comp_id 
_atom_site_anisotrop.pdbx_label_asym_id 
_atom_site_anisotrop.pdbx_label_seq_id 
_atom_site_anisotrop.pdbx_PDB_ins_code 
_atom_site_anisotrop.U[1][1] 
_atom_site_anisotrop.U[2][2] 
_atom_site_anisotrop.U[3][3] 
_atom_site_anisotrop.U[1][2] 
_atom_site_anisotrop.U[1][3] 
_atom_site_anisotrop.U[2][3] 
_atom_site_anisotrop.pdbx_auth_seq_id 
_atom_site_anisotrop.pdbx_auth_comp_id 
_atom_site_anisotrop.pdbx_auth_asym_id 
_atom_site_anisotrop.pdbx_auth_atom_id 
1   N N     . LEU A 1 ? 0.04150 0.05123 0.04072 -0.00231 -0.00451 -0.00678 2   LEU A N     
2   C CA    . LEU A 1 ? 0.04305 0.04912 0.03864 -0.00223 -0.00182 -0.00336 2   LEU A CA    
3   C C     . LEU A 1 ? 0.04246 0.05071 0.03195 -0.00139 0.00090  -0.00096 2   LEU A C     
4   O O     . LEU A 1 ? 0.04249 0.04450 0.04062 0.00046  0.00148  0.00005  2   LEU A O     
5   C CB    . LEU A 1 ? 0.04895 0.05837 0.04114 0.00146  -0.00240 -0.00707 2   LEU A CB    
6   C CG    . LEU A 1 ? 0.05017 0.06753 0.04338 -0.00048 -0.00249 -0.01111 2   LEU A CG    
7   C CD1   . LEU A 1 ? 0.05347 0.07892 0.05604 0.00823  0.00001  -0.01475 2   LEU A CD1   
8   C CD2   . LEU A 1 ? 0.05889 0.08123 0.05222 0.00218  0.00051  -0.01328 2   LEU A CD2   
20  N N     . AIB A 2 ? 0.03773 0.04528 0.04075 0.00023  -0.00006 -0.00274 3   AIB A N     
21  C CA    . AIB A 2 ? 0.04069 0.04028 0.04140 -0.00149 -0.00060 -0.00134 3   AIB A CA    
22  C C     . AIB A 2 ? 0.04044 0.04337 0.04289 0.00606  -0.00131 -0.00449 3   AIB A C     
23  O O     . AIB A 2 ? 0.04357 0.05146 0.04133 -0.00280 -0.00249 -0.00134 3   AIB A O     
24  C CB1   . AIB A 2 ? 0.04309 0.04828 0.04890 0.00009  -0.00032 0.00309  3   AIB A CB1   
25  C CB2   . AIB A 2 ? 0.04222 0.04396 0.04977 -0.00366 -0.00228 0.00038  3   AIB A CB2   
33  N N     . SER A 3 ? 0.03640 0.05536 0.03879 0.00339  -0.00098 -0.00168 4   SER A N     
34  C CA    . SER A 3 ? 0.04772 0.05104 0.03278 0.00441  0.00572  -0.00475 4   SER A CA    
35  C C     . SER A 3 ? 0.03796 0.04963 0.04071 -0.00649 0.00600  -0.00212 4   SER A C     
36  O O     . SER A 3 ? 0.04178 0.06101 0.03770 -0.00492 -0.00154 0.00110  4   SER A O     
37  C CB    . SER A 3 ? 0.05259 0.05907 0.04516 0.00881  0.00721  -0.00471 4   SER A CB    
38  O OG    . SER A 3 ? 0.05819 0.07596 0.05537 0.02001  0.01222  -0.00194 4   SER A OG    
44  N N     . AIB A 4 ? 0.03776 0.04658 0.03765 -0.00441 0.00015  0.00263  5   AIB A N     
45  C CA    . AIB A 4 ? 0.04537 0.04175 0.04419 -0.00279 0.00138  0.00753  5   AIB A CA    
46  C C     . AIB A 4 ? 0.04677 0.04164 0.03724 -0.00440 0.00006  -0.00099 5   AIB A C     
47  O O     . AIB A 4 ? 0.04510 0.05617 0.04707 -0.00087 -0.00382 0.00756  5   AIB A O     
48  C CB1   . AIB A 4 ? 0.04817 0.05577 0.04837 -0.00467 0.00634  0.00571  5   AIB A CB1   
49  C CB2   . AIB A 4 ? 0.05140 0.04520 0.05001 -0.00203 -0.00094 -0.00539 5   AIB A CB2   
57  N N     . LEU A 5 ? 0.04112 0.04380 0.04198 0.00235  -0.00142 0.00016  6   LEU A N     
58  C CA    . LEU A 5 ? 0.03895 0.04590 0.04410 0.00103  0.00642  0.00190  6   LEU A CA    
59  C C     . LEU A 5 ? 0.04138 0.05099 0.03504 -0.00598 0.00387  0.00247  6   LEU A C     
60  O O     . LEU A 5 ? 0.04002 0.05823 0.04173 -0.00178 -0.00014 -0.00178 6   LEU A O     
61  C CB    . LEU A 5 ? 0.03609 0.04999 0.04682 -0.00266 0.00804  0.00094  6   LEU A CB    
62  C CG    . LEU A 5 ? 0.04690 0.06034 0.04576 0.00787  0.00561  0.00068  6   LEU A CG    
63  C CD1   . LEU A 5 ? 0.05227 0.07712 0.05605 0.00723  0.00056  -0.01683 6   LEU A CD1   
64  C CD2   . LEU A 5 ? 0.05688 0.07974 0.05722 0.00992  0.02050  0.00459  6   LEU A CD2   
76  N N     A MET A 6 ? 0.03795 0.04630 0.03522 -0.00216 0.00038  -0.00256 7   MET A N     
77  N N     B MET A 6 ? 0.04605 0.05170 0.04216 -0.00289 0.00012  0.00046  7   MET A N     
78  N N     C MET A 6 ? 0.04755 0.05393 0.04873 -0.00289 0.00319  -0.00126 7   MET A N     
79  C CA    A MET A 6 ? 0.03458 0.03999 0.04041 -0.00705 -0.00300 -0.00171 7   MET A CA    
80  C CA    B MET A 6 ? 0.05163 0.05451 0.05106 -0.00201 -0.00148 0.00228  7   MET A CA    
81  C CA    C MET A 6 ? 0.05239 0.05611 0.06460 -0.00188 0.00272  -0.00289 7   MET A CA    
82  C C     A MET A 6 ? 0.03764 0.03792 0.04329 -0.00288 -0.00135 -0.00233 7   MET A C     
83  C C     B MET A 6 ? 0.04633 0.04773 0.04522 -0.00206 -0.00218 -0.00169 7   MET A C     
84  C C     C MET A 6 ? 0.04773 0.05103 0.05085 -0.00150 -0.00014 -0.00379 7   MET A C     
85  O O     A MET A 6 ? 0.04211 0.03821 0.04180 0.00046  -0.00294 -0.00677 7   MET A O     
86  O O     B MET A 6 ? 0.04730 0.04823 0.04501 -0.00133 -0.00352 -0.00531 7   MET A O     
87  O O     C MET A 6 ? 0.04897 0.05339 0.04981 -0.00101 -0.00143 -0.00646 7   MET A O     
88  C CB    A MET A 6 ? 0.03952 0.03508 0.04193 -0.00581 -0.00374 -0.00181 7   MET A CB    
89  C CB    B MET A 6 ? 0.06452 0.06951 0.06534 0.00362  -0.00098 0.00693  7   MET A CB    
90  C CB    C MET A 6 ? 0.06226 0.06075 0.09258 0.00005  0.00572  -0.00498 7   MET A CB    
91  C CG    A MET A 6 ? 0.04224 0.03955 0.04419 -0.00768 -0.00771 0.00758  7   MET A CG    
92  C CG    B MET A 6 ? 0.08048 0.09292 0.08362 0.01724  0.00282  0.01421  7   MET A CG    
93  C CG    C MET A 6 ? 0.07056 0.05550 0.11628 -0.00043 0.00838  -0.00545 7   MET A CG    
94  S SD    A MET A 6 ? 0.05923 0.05010 0.05406 0.00751  0.00650  0.01057  7   MET A SD    
95  S SD    B MET A 6 ? 0.09923 0.12489 0.09338 0.03667  0.00745  0.02570  7   MET A SD    
96  S SD    C MET A 6 ? 0.07499 0.03953 0.12824 -0.00934 0.00937  -0.00281 7   MET A SD    
97  C CE    A MET A 6 ? 0.05622 0.04068 0.07176 -0.00175 0.00249  0.01941  7   MET A CE    
98  C CE    B MET A 6 ? 0.10377 0.14418 0.11914 0.04427  0.00707  0.01496  7   MET A CE    
99  C CE    C MET A 6 ? 0.07754 0.04843 0.15685 -0.00168 0.01319  -0.00516 7   MET A CE    
127 N N     . GLN A 7 ? 0.04279 0.04622 0.03581 -0.00280 -0.00182 -0.00264 8   GLN A N     
128 C CA    . GLN A 7 ? 0.04140 0.04513 0.03693 -0.00227 -0.00105 -0.00258 8   GLN A CA    
129 C C     . GLN A 7 ? 0.04159 0.03693 0.04180 -0.00800 -0.00390 -0.00573 8   GLN A C     
130 O O     . GLN A 7 ? 0.04514 0.04491 0.03905 -0.00561 -0.00236 -0.00154 8   GLN A O     
131 C CB    . GLN A 7 ? 0.03898 0.04522 0.04051 -0.00789 0.00046  -0.00397 8   GLN A CB    
132 C CG    . GLN A 7 ? 0.04408 0.05101 0.03938 -0.00291 0.00038  -0.00226 8   GLN A CG    
133 C CD    . GLN A 7 ? 0.04420 0.04623 0.04447 -0.00071 -0.00704 -0.00200 8   GLN A CD    
134 O OE1   . GLN A 7 ? 0.04370 0.04572 0.04789 -0.00448 -0.00222 0.00244  8   GLN A OE1   
135 N NE2   . GLN A 7 ? 0.06136 0.03792 0.04700 -0.00730 -0.00085 -0.00148 8   GLN A NE2   
144 N N     . AIB A 8 ? 0.03956 0.04303 0.04253 -0.00673 -0.00171 -0.00572 9   AIB A N     
145 C CA    . AIB A 8 ? 0.03940 0.05124 0.04246 -0.00091 -0.00296 -0.00451 9   AIB A CA    
146 C C     . AIB A 8 ? 0.03907 0.04695 0.04016 -0.00634 0.00269  -0.00521 9   AIB A C     
147 O O     . AIB A 8 ? 0.04947 0.05499 0.05027 -0.00174 -0.00934 -0.00648 9   AIB A O     
148 C CB1   . AIB A 8 ? 0.04155 0.04861 0.05497 0.00194  -0.00442 -0.00102 9   AIB A CB1   
149 C CB2   . AIB A 8 ? 0.04173 0.05631 0.05234 -0.00091 0.00585  -0.00426 9   AIB A CB2   
157 N N     . LEU A 9 ? 0.03787 0.04331 0.04258 -0.00564 0.00164  -0.00726 10  LEU A N     
158 C CA    . LEU A 9 ? 0.03840 0.04858 0.04567 -0.00668 -0.00186 -0.01046 10  LEU A CA    
159 C C     . LEU A 9 ? 0.04363 0.04509 0.04604 -0.01018 0.00201  -0.01035 10  LEU A C     
160 O O     . LEU A 9 ? 0.05509 0.05602 0.06628 -0.01160 0.01457  -0.02014 10  LEU A O     
161 C CB    . LEU A 9 ? 0.04263 0.04310 0.05994 -0.00737 0.00188  -0.00640 10  LEU A CB    
162 C CG    . LEU A 9 ? 0.05832 0.05024 0.05494 -0.00796 0.00927  -0.00524 10  LEU A CG    
163 C CD1   . LEU A 9 ? 0.06763 0.05855 0.08118 -0.00023 0.02284  0.00081  10  LEU A CD1   
164 C CD2   . LEU A 9 ? 0.05428 0.07456 0.06051 -0.00938 0.01351  -0.00467 10  LEU A CD2   
176 C C11   . I77 B . ? 0.05901 0.05960 0.05067 -0.00152 0.01404  -0.00570 101 I77 A C11   
177 C C12   . I77 B . ? 0.04646 0.05366 0.04273 -0.00929 0.00223  -0.01313 101 I77 A C12   
178 C C13   . I77 B . ? 0.04651 0.05573 0.03739 -0.00442 -0.00157 -0.01467 101 I77 A C13   
179 C C17   . I77 B . ? 0.04355 0.05490 0.05009 -0.00882 0.00388  -0.01498 101 I77 A C17   
180 C C18   . I77 B . ? 0.04604 0.05169 0.03764 -0.00695 0.00715  -0.00644 101 I77 A C18   
181 C C02   . I77 B . ? 0.04534 0.04814 0.04661 -0.00267 0.00930  -0.00225 101 I77 A C02   
182 C C03   . I77 B . ? 0.04424 0.04100 0.04788 -0.00354 0.00474  -0.00664 101 I77 A C03   
183 C C04   . I77 B . ? 0.04853 0.05761 0.05052 0.00614  0.00821  -0.00069 101 I77 A C04   
184 C C05   . I77 B . ? 0.04797 0.05640 0.04426 0.00603  0.00774  0.00148  101 I77 A C05   
185 C C06   . I77 B . ? 0.04843 0.04366 0.05174 -0.00410 0.01044  -0.00447 101 I77 A C06   
186 C C08   . I77 B . ? 0.04613 0.03836 0.04846 -0.00541 0.00517  -0.00541 101 I77 A C08   
187 C C09   . I77 B . ? 0.04683 0.04662 0.04432 -0.00733 0.00278  -0.00903 101 I77 A C09   
188 N N01   . I77 B . ? 0.04364 0.05601 0.05942 0.00308  0.01040  0.00310  101 I77 A N01   
189 N N07   . I77 B . ? 0.04475 0.04761 0.05470 -0.00060 0.00468  -0.00172 101 I77 A N07   
190 N N10   . I77 B . ? 0.05525 0.06034 0.05805 -0.00035 0.01041  -0.00225 101 I77 A N10   
191 N N14   . I77 B . ? 0.04139 0.05718 0.03825 -0.00560 0.00322  -0.00802 101 I77 A N14   
192 N N15   . I77 B . ? 0.04281 0.05176 0.03848 -0.00699 0.00296  -0.00523 101 I77 A N15   
193 O O16   . I77 B . ? 0.04556 0.09937 0.04349 0.00112  -0.00136 -0.00968 101 I77 A O16   
194 O O19   . I77 B . ? 0.04415 0.04984 0.06012 -0.00151 0.00722  -0.00050 101 I77 A O19   
205 C C05   . I6W C . ? 0.04278 0.05102 0.03998 -0.00693 0.00002  -0.01116 102 I6W A C05   
206 C C08   . I6W C . ? 0.04391 0.05025 0.05086 -0.00922 0.00133  -0.00462 102 I6W A C08   
207 C C09   . I6W C . ? 0.04454 0.05236 0.05353 -0.00354 0.00004  -0.00850 102 I6W A C09   
208 N N10   . I6W C . ? 0.04777 0.06046 0.06220 -0.00677 0.00302  -0.01265 102 I6W A N10   
209 C C02   . I6W C . ? 0.04204 0.05117 0.04298 -0.00776 0.00091  -0.00678 102 I6W A C02   
210 C C03   . I6W C . ? 0.04062 0.05498 0.04653 -0.01179 0.00158  -0.00991 102 I6W A C03   
211 C C04   . I6W C . ? 0.04449 0.05023 0.04376 -0.00523 0.00052  -0.01051 102 I6W A C04   
212 C C06   . I6W C . ? 0.04129 0.07048 0.05457 -0.00440 0.00263  -0.00170 102 I6W A C06   
213 C C11   . I6W C . ? 0.04739 0.05835 0.06210 -0.00641 -0.00251 -0.01910 102 I6W A C11   
214 C C12   . I6W C . ? 0.05053 0.05821 0.05911 -0.01006 0.00712  -0.01091 102 I6W A C12   
215 C C13   . I6W C . ? 0.05132 0.05733 0.05793 -0.00788 0.00507  -0.00682 102 I6W A C13   
216 C C15   . I6W C . ? 0.04834 0.07415 0.06039 -0.00238 -0.00179 -0.01380 102 I6W A C15   
217 C C16   . I6W C . ? 0.05916 0.06921 0.08762 -0.00262 0.00354  0.00329  102 I6W A C16   
218 C C18   . I6W C . ? 0.05384 0.07233 0.07793 0.00332  0.01226  -0.00372 102 I6W A C18   
219 C C19   . I6W C . ? 0.04664 0.06519 0.07256 0.00414  0.00983  0.00485  102 I6W A C19   
220 N N07   . I6W C . ? 0.04799 0.07489 0.05866 -0.00410 0.00930  0.00392  102 I6W A N07   
221 O O01   . I6W C . ? 0.04446 0.06412 0.04352 -0.00375 -0.00193 0.00017  102 I6W A O01   
222 O O14   . I6W C . ? 0.04841 0.06613 0.05858 -0.00579 0.00208  -0.00966 102 I6W A O14   
223 O O17   . I6W C . ? 0.05858 0.07674 0.07229 0.00221  0.01691  0.00294  102 I6W A O17   
235 C C1    . PXY D . ? 0.06359 0.07114 0.06900 0.00128  0.00484  -0.01546 103 PXY A C1    
236 C C2    . PXY D . ? 0.07034 0.06752 0.11870 -0.01633 0.01255  -0.00403 103 PXY A C2    
237 C C3    . PXY D . ? 0.07624 0.08956 0.12708 -0.00582 0.01410  0.01584  103 PXY A C3    
238 C C4    . PXY D . ? 0.07443 0.07790 0.10663 -0.00067 0.01205  0.01647  103 PXY A C4    
239 C C5    . PXY D . ? 0.06153 0.06904 0.06305 -0.01295 0.01386  -0.00599 103 PXY A C5    
240 C C6    . PXY D . ? 0.05960 0.07120 0.06051 -0.00389 0.01206  -0.00747 103 PXY A C6    
241 C "C1'" . PXY D . ? 0.07498 0.11391 0.07565 0.02808  -0.00202 -0.01503 103 PXY A "C1'" 
242 C "C4'" . PXY D . ? 0.08717 0.11116 0.12271 0.00420  0.01766  0.02880  103 PXY A "C4'" 
253 C C01   A 8VH E . ? 0.09745 0.09113 0.06769 0.01118  0.01223  -0.00453 104 8VH A C01   
254 C C02   A 8VH E . ? 0.10433 0.09955 0.08333 0.00995  0.00792  -0.00689 104 8VH A C02   
255 C C03   A 8VH E . ? 0.12178 0.09393 0.09784 0.01410  0.01443  0.00083  104 8VH A C03   
256 C C04   A 8VH E . ? 0.11414 0.10030 0.09814 0.01057  0.01527  0.00270  104 8VH A C04   
257 C C05   A 8VH E . ? 0.10783 0.10290 0.10227 0.02130  0.01454  -0.00915 104 8VH A C05   
258 C C06   A 8VH E . ? 0.10431 0.09783 0.07371 0.01666  0.01886  -0.00415 104 8VH A C06   
259 C C07   A 8VH E . ? 0.13253 0.10738 0.10227 0.02960  0.00376  -0.00194 104 8VH A C07   
260 C C08   A 8VH E . ? 0.08780 0.10040 0.06681 0.01296  0.00730  0.00374  104 8VH A C08   
271 C C1    A OXE F . ? 0.07340 0.07546 0.03734 0.00357  -0.00859 0.01318  105 OXE A C1    
272 C C2    A OXE F . ? 0.06342 0.07177 0.04822 -0.00098 -0.00485 0.01872  105 OXE A C2    
273 C C3    A OXE F . ? 0.05644 0.10883 0.07454 -0.00288 -0.00891 0.02206  105 OXE A C3    
274 C C4    A OXE F . ? 0.05865 0.13387 0.06546 -0.00052 -0.00418 0.02596  105 OXE A C4    
275 C C5    A OXE F . ? 0.07833 0.14230 0.04755 0.02271  -0.00507 0.01651  105 OXE A C5    
276 C C6    A OXE F . ? 0.08861 0.10420 0.03946 0.02025  -0.00739 0.00274  105 OXE A C6    
277 C "C1'" A OXE F . ? 0.07680 0.08077 0.06020 -0.01042 -0.00027 0.00752  105 OXE A "C1'" 
278 C "C2'" A OXE F . ? 0.07241 0.05601 0.05410 0.00581  0.00412  0.01282  105 OXE A "C2'" 
289 C C1    B OXE G . ? 0.17493 0.13912 0.11534 0.01105  0.01040  -0.00231 106 OXE A C1    
290 C C2    B OXE G . ? 0.16421 0.13995 0.11416 0.00601  0.00389  -0.00670 106 OXE A C2    
291 C C3    B OXE G . ? 0.16475 0.13436 0.10328 0.00830  0.00580  -0.00389 106 OXE A C3    
292 C C4    B OXE G . ? 0.16557 0.13195 0.09689 0.01054  0.00568  -0.00354 106 OXE A C4    
293 C C5    B OXE G . ? 0.16695 0.12633 0.09393 0.00908  0.00518  -0.00050 106 OXE A C5    
294 C C6    B OXE G . ? 0.17042 0.13636 0.09202 0.00842  0.00444  0.00031  106 OXE A C6    
295 C "C1'" B OXE G . ? 0.18135 0.14698 0.12570 0.01674  0.01259  -0.00402 106 OXE A "C1'" 
296 C "C2'" B OXE G . ? 0.15979 0.14807 0.14359 0.00741  0.00234  -0.00938 106 OXE A "C2'" 
307 C C1    A OXE H . ? 0.21039 0.10200 0.14507 0.01906  0.01367  0.04474  107 OXE A C1    
308 C C1    B OXE H . ? 0.19379 0.13591 0.15547 0.00387  -0.00017 0.01737  107 OXE A C1    
309 C C2    A OXE H . ? 0.21709 0.10141 0.17116 0.02698  0.02065  0.03435  107 OXE A C2    
310 C C2    B OXE H . ? 0.19611 0.12248 0.13726 -0.00126 0.00652  0.02323  107 OXE A C2    
311 C C3    A OXE H . ? 0.22188 0.08971 0.14206 0.02279  0.02110  0.02800  107 OXE A C3    
312 C C3    B OXE H . ? 0.19544 0.14232 0.15372 0.00932  0.00106  0.01340  107 OXE A C3    
313 C C4    A OXE H . ? 0.21985 0.10369 0.12011 0.02885  0.01245  0.02067  107 OXE A C4    
314 C C4    B OXE H . ? 0.19360 0.16243 0.17239 0.01819  -0.00347 0.00454  107 OXE A C4    
315 C C5    A OXE H . ? 0.21692 0.10058 0.10548 0.02871  0.00542  0.01922  107 OXE A C5    
316 C C5    B OXE H . ? 0.19142 0.16962 0.17865 0.01948  -0.00671 0.00182  107 OXE A C5    
317 C C6    A OXE H . ? 0.21115 0.10254 0.11739 0.02517  0.00835  0.03218  107 OXE A C6    
318 C C6    B OXE H . ? 0.19004 0.15925 0.17241 0.01368  -0.00480 0.00874  107 OXE A C6    
319 C "C1'" A OXE H . ? 0.20540 0.11151 0.16006 0.01061  0.01108  0.04627  107 OXE A "C1'" 
320 C "C1'" B OXE H . ? 0.19128 0.13616 0.15393 -0.00251 -0.00033 0.01817  107 OXE A "C1'" 
321 C "C2'" A OXE H . ? 0.21519 0.14179 0.21494 0.03758  0.01578  0.01590  107 OXE A "C2'" 
322 C "C2'" B OXE H . ? 0.19902 0.11187 0.12351 -0.00221 0.00846  0.02670  107 OXE A "C2'" 
343 C C01   C 8VH I . ? 0.17735 0.15899 0.16695 -0.00326 -0.00226 0.00503  108 8VH A C01   
344 C C02   C 8VH I . ? 0.17671 0.16417 0.17388 0.00031  -0.00315 0.00363  108 8VH A C02   
345 C C03   C 8VH I . ? 0.17608 0.17005 0.17851 0.00204  -0.00366 0.00243  108 8VH A C03   
346 C C04   C 8VH I . ? 0.17563 0.16611 0.17153 -0.00054 -0.00326 0.00267  108 8VH A C04   
347 C C05   C 8VH I . ? 0.17556 0.16189 0.16591 -0.00326 -0.00237 0.00334  108 8VH A C05   
348 C C06   C 8VH I . ? 0.17669 0.15832 0.16282 -0.00517 -0.00188 0.00462  108 8VH A C06   
349 C C07   C 8VH I . ? 0.17690 0.17807 0.18841 0.00610  -0.00351 0.00056  108 8VH A C07   
350 C C08   C 8VH I . ? 0.17849 0.15429 0.16345 -0.00489 -0.00141 0.00634  108 8VH A C08   
361 C C01   B 8VH J . ? 0.19396 0.17477 0.18251 0.00011  -0.02248 0.00230  109 8VH A C01   
362 C C02   B 8VH J . ? 0.19333 0.15948 0.16477 -0.00707 -0.02382 0.00404  109 8VH A C02   
363 C C03   B 8VH J . ? 0.19217 0.13692 0.14490 -0.01932 -0.02282 0.00718  109 8VH A C03   
364 C C04   B 8VH J . ? 0.19433 0.12334 0.12913 -0.02625 -0.02082 0.00947  109 8VH A C04   
365 C C05   B 8VH J . ? 0.19468 0.13384 0.13275 -0.02179 -0.02049 0.00797  109 8VH A C05   
366 C C06   B 8VH J . ? 0.19523 0.15379 0.15411 -0.01183 -0.02088 0.00639  109 8VH A C06   
367 C C07   B 8VH J . ? 0.19281 0.13756 0.14375 -0.01975 -0.02246 0.00879  109 8VH A C07   
368 C C08   B 8VH J . ? 0.19420 0.20128 0.22518 0.01563  -0.02152 -0.00128 109 8VH A C08   
379 O O     A HOH K . ? 0.05163 0.07129 0.08751 -0.01043 0.02544  -0.00803 201 HOH A O     
# 
